data_1S7R
#
_entry.id   1S7R
#
_cell.length_a   50.192
_cell.length_b   88.519
_cell.length_c   120.026
_cell.angle_alpha   90.00
_cell.angle_beta   94.00
_cell.angle_gamma   90.00
#
_symmetry.space_group_name_H-M   'P 1 21 1'
#
loop_
_entity.id
_entity.type
_entity.pdbx_description
1 polymer 'H-2 class I histocompatibility antigen, K-B alpha chain'
2 polymer Beta-2-microglobulin
3 polymer 'Glycoprotein 9-residue peptide'
4 water water
#
loop_
_entity_poly.entity_id
_entity_poly.type
_entity_poly.pdbx_seq_one_letter_code
_entity_poly.pdbx_strand_id
1 'polypeptide(L)'
;GPHSLRYFVTAVSRPGLGEPRYMEVGYVDDTEFVRFDSDAENPRYEPRARWMEQEGPEYWERETQKAKGNEQSFRVDLRT
LLGYYNQSKGGSHTIQVISGCEVGSDGRLLRGYQQYAYDGCDYIALNEDLKTWTAADMAALITKHKWEQAGEAERLRAYL
EGTCVEWLRRYLKNGNATLLRTDSPKAHVTHHSRPEDKVTLRCWALGFYPADITLTWQLNGEELIQDMELVETRPAGDGT
FQKWASVVVPLGKEQYYTCHVYHQGLPEPLTLRWEPPPSTVSNMATVAVLVVLGAAIVTGAVVAFVMKMRRRNTGGKGGD
YALAPGSQTSDLSLPDCKVMVHDPHSLA
;
A,D
2 'polypeptide(L)'
;IQKTPQIQVYSRHPPENGKPNILNCYVTQFHPPHIEIQMLKNGKKIPKVEMSDMSFSKDWSFYILAHTEFTPTETDTYAC
RVKHDSMAEPKTVYWDRDM
;
B,E
3 'polypeptide(L)' KAVYNLATM C,F
#
# COMPACT_ATOMS: atom_id res chain seq x y z
N GLY A 1 -2.09 -4.45 2.63
CA GLY A 1 -0.81 -3.72 2.77
C GLY A 1 0.37 -4.48 2.18
N PRO A 2 1.50 -3.78 1.98
CA PRO A 2 2.79 -4.39 1.61
C PRO A 2 3.55 -4.85 2.86
N HIS A 3 4.54 -5.70 2.65
CA HIS A 3 5.38 -6.18 3.75
C HIS A 3 6.84 -6.23 3.35
N SER A 4 7.70 -6.61 4.29
CA SER A 4 9.10 -6.71 3.96
C SER A 4 9.90 -7.55 4.91
N LEU A 5 10.90 -8.23 4.37
CA LEU A 5 11.96 -8.85 5.15
C LEU A 5 13.17 -7.91 5.24
N ARG A 6 13.69 -7.75 6.45
CA ARG A 6 14.78 -6.80 6.73
C ARG A 6 15.92 -7.33 7.64
N TYR A 7 17.11 -7.38 7.08
CA TYR A 7 18.29 -7.69 7.84
C TYR A 7 19.11 -6.44 8.24
N PHE A 8 19.42 -6.37 9.52
CA PHE A 8 20.34 -5.40 10.06
C PHE A 8 21.60 -6.11 10.57
N VAL A 9 22.66 -6.10 9.79
CA VAL A 9 23.88 -6.80 10.21
C VAL A 9 25.04 -5.83 10.52
N THR A 10 25.76 -6.10 11.60
CA THR A 10 26.83 -5.22 12.09
C THR A 10 28.12 -6.01 12.30
N ALA A 11 29.25 -5.42 11.91
CA ALA A 11 30.55 -5.97 12.26
C ALA A 11 31.28 -4.85 12.89
N VAL A 12 32.18 -5.15 13.82
CA VAL A 12 32.87 -4.09 14.58
C VAL A 12 34.10 -4.62 15.32
N SER A 13 35.25 -4.23 14.79
CA SER A 13 36.54 -4.61 15.32
C SER A 13 36.75 -4.11 16.74
N ARG A 14 37.49 -4.86 17.53
CA ARG A 14 37.88 -4.42 18.85
C ARG A 14 39.32 -4.84 19.02
N PRO A 15 40.22 -4.11 18.38
CA PRO A 15 41.64 -4.36 18.51
C PRO A 15 42.06 -4.57 19.95
N GLY A 16 42.95 -5.55 20.16
CA GLY A 16 43.46 -5.91 21.47
C GLY A 16 42.52 -6.78 22.27
N LEU A 17 41.28 -6.93 21.80
CA LEU A 17 40.25 -7.70 22.50
C LEU A 17 39.67 -8.88 21.67
N GLY A 18 40.41 -9.34 20.66
CA GLY A 18 40.03 -10.50 19.87
C GLY A 18 39.33 -10.19 18.54
N GLU A 19 38.70 -11.24 17.99
CA GLU A 19 37.88 -11.12 16.78
C GLU A 19 36.73 -10.16 17.01
N PRO A 20 36.24 -9.54 15.94
CA PRO A 20 35.12 -8.60 15.99
C PRO A 20 33.78 -9.10 16.58
N ARG A 21 32.93 -8.15 16.90
CA ARG A 21 31.60 -8.46 17.28
C ARG A 21 30.88 -8.51 15.97
N TYR A 22 30.21 -9.62 15.67
CA TYR A 22 29.35 -9.68 14.50
C TYR A 22 27.96 -10.07 14.92
N MET A 23 26.99 -9.24 14.57
CA MET A 23 25.61 -9.49 14.88
C MET A 23 24.73 -9.42 13.63
N GLU A 24 23.56 -10.01 13.70
CA GLU A 24 22.63 -10.03 12.59
C GLU A 24 21.28 -10.02 13.22
N VAL A 25 20.43 -9.09 12.79
CA VAL A 25 19.05 -9.09 13.26
C VAL A 25 18.17 -9.04 12.05
N GLY A 26 17.04 -9.74 12.14
CA GLY A 26 16.13 -9.89 11.02
C GLY A 26 14.73 -9.52 11.43
N TYR A 27 14.08 -8.81 10.52
CA TYR A 27 12.79 -8.17 10.77
C TYR A 27 11.84 -8.46 9.62
N VAL A 28 10.67 -8.97 9.95
CA VAL A 28 9.55 -8.90 9.02
C VAL A 28 8.64 -7.82 9.62
N ASP A 29 8.60 -6.65 9.01
CA ASP A 29 7.70 -5.57 9.41
C ASP A 29 7.74 -5.21 10.88
N ASP A 30 8.77 -4.54 11.36
CA ASP A 30 8.69 -3.99 12.72
C ASP A 30 8.63 -5.08 13.81
N THR A 31 8.69 -6.33 13.39
CA THR A 31 8.65 -7.46 14.26
C THR A 31 9.95 -8.15 14.10
N GLU A 32 10.76 -8.08 15.14
CA GLU A 32 12.00 -8.83 15.23
C GLU A 32 11.67 -10.32 15.20
N PHE A 33 12.25 -11.05 14.26
CA PHE A 33 12.05 -12.49 14.20
C PHE A 33 13.32 -13.32 14.19
N VAL A 34 14.48 -12.72 13.93
CA VAL A 34 15.71 -13.49 13.99
C VAL A 34 16.95 -12.71 14.44
N ARG A 35 17.87 -13.47 15.06
CA ARG A 35 19.07 -12.93 15.67
C ARG A 35 20.28 -13.88 15.65
N PHE A 36 21.46 -13.29 15.48
CA PHE A 36 22.72 -13.97 15.58
C PHE A 36 23.65 -13.00 16.30
N ASP A 37 24.54 -13.51 17.14
CA ASP A 37 25.39 -12.63 17.95
C ASP A 37 26.63 -13.43 18.35
N SER A 38 27.77 -13.14 17.72
CA SER A 38 29.01 -13.89 17.89
C SER A 38 29.57 -13.82 19.32
N ASP A 39 28.88 -13.06 20.18
CA ASP A 39 29.19 -12.94 21.61
C ASP A 39 28.29 -13.78 22.50
N ALA A 40 27.42 -14.57 21.89
CA ALA A 40 26.53 -15.40 22.65
C ALA A 40 27.38 -16.46 23.27
N GLU A 41 26.83 -17.22 24.20
CA GLU A 41 27.56 -18.36 24.76
C GLU A 41 27.94 -19.35 23.63
N ASN A 42 26.91 -19.75 22.90
CA ASN A 42 26.99 -20.72 21.82
C ASN A 42 26.41 -20.03 20.60
N PRO A 43 27.24 -19.32 19.83
CA PRO A 43 26.73 -18.44 18.77
C PRO A 43 25.99 -19.21 17.69
N ARG A 44 24.68 -19.08 17.67
CA ARG A 44 23.80 -19.81 16.75
C ARG A 44 22.53 -18.99 16.44
N TYR A 45 22.13 -18.95 15.18
CA TYR A 45 20.89 -18.30 14.79
C TYR A 45 19.77 -18.80 15.69
N GLU A 46 19.07 -17.89 16.32
CA GLU A 46 18.03 -18.26 17.26
C GLU A 46 16.75 -17.51 16.91
N PRO A 47 15.63 -18.16 17.21
CA PRO A 47 14.34 -17.56 16.95
C PRO A 47 14.10 -16.39 17.91
N ARG A 48 13.38 -15.36 17.43
CA ARG A 48 12.98 -14.20 18.23
C ARG A 48 11.48 -13.98 18.23
N ALA A 49 10.76 -15.06 17.91
CA ALA A 49 9.35 -15.03 17.60
C ALA A 49 8.83 -16.46 17.53
N ARG A 50 7.71 -16.73 18.22
CA ARG A 50 7.13 -18.07 18.29
C ARG A 50 6.90 -18.70 16.91
N TRP A 51 6.40 -17.91 15.98
CA TRP A 51 6.21 -18.44 14.63
C TRP A 51 7.50 -18.91 13.90
N MET A 52 8.68 -18.54 14.42
CA MET A 52 9.92 -19.03 13.88
C MET A 52 10.41 -20.29 14.54
N GLU A 53 9.77 -20.72 15.62
CA GLU A 53 10.04 -22.04 16.21
C GLU A 53 9.60 -23.12 15.25
N GLN A 54 8.47 -22.87 14.57
CA GLN A 54 7.92 -23.77 13.55
C GLN A 54 9.03 -24.39 12.72
N GLU A 55 9.92 -23.55 12.19
CA GLU A 55 11.01 -24.04 11.39
C GLU A 55 11.74 -25.19 12.09
N GLY A 56 12.08 -26.20 11.31
CA GLY A 56 12.79 -27.36 11.82
C GLY A 56 14.29 -27.12 11.94
N PRO A 57 14.99 -28.15 12.41
CA PRO A 57 16.41 -28.12 12.68
C PRO A 57 17.22 -27.68 11.49
N GLU A 58 16.90 -28.19 10.31
CA GLU A 58 17.70 -27.87 9.12
C GLU A 58 17.83 -26.37 8.92
N TYR A 59 16.72 -25.64 8.99
CA TYR A 59 16.76 -24.18 8.75
C TYR A 59 17.80 -23.54 9.65
N TRP A 60 17.63 -23.73 10.94
CA TRP A 60 18.47 -23.08 11.94
C TRP A 60 19.97 -23.37 11.81
N GLU A 61 20.31 -24.48 11.20
CA GLU A 61 21.71 -24.83 11.03
C GLU A 61 22.24 -24.15 9.78
N ARG A 62 21.40 -24.00 8.75
CA ARG A 62 21.79 -23.33 7.51
C ARG A 62 21.99 -21.86 7.73
N GLU A 63 21.04 -21.23 8.43
CA GLU A 63 21.18 -19.82 8.75
C GLU A 63 22.43 -19.57 9.62
N THR A 64 22.63 -20.44 10.61
CA THR A 64 23.74 -20.36 11.52
C THR A 64 25.05 -20.57 10.79
N GLN A 65 25.05 -21.25 9.66
CA GLN A 65 26.31 -21.40 8.98
C GLN A 65 26.56 -20.19 8.09
N LYS A 66 25.60 -19.87 7.22
CA LYS A 66 25.76 -18.71 6.34
C LYS A 66 25.98 -17.40 7.10
N ALA A 67 25.59 -17.41 8.37
CA ALA A 67 25.89 -16.36 9.34
C ALA A 67 27.36 -16.40 9.71
N LYS A 68 27.84 -17.57 10.11
CA LYS A 68 29.26 -17.77 10.46
C LYS A 68 30.14 -17.44 9.29
N GLY A 69 29.66 -17.69 8.09
CA GLY A 69 30.36 -17.34 6.88
C GLY A 69 30.46 -15.85 6.63
N ASN A 70 29.33 -15.14 6.75
CA ASN A 70 29.22 -13.68 6.72
C ASN A 70 30.15 -13.01 7.77
N GLU A 71 30.12 -13.54 8.99
CA GLU A 71 31.05 -13.11 10.06
C GLU A 71 32.47 -13.10 9.54
N GLN A 72 32.89 -14.21 8.94
CA GLN A 72 34.25 -14.32 8.43
C GLN A 72 34.50 -13.31 7.32
N SER A 73 33.45 -13.06 6.52
CA SER A 73 33.56 -12.20 5.36
C SER A 73 33.84 -10.77 5.80
N PHE A 74 33.18 -10.37 6.88
CA PHE A 74 33.35 -9.03 7.42
C PHE A 74 34.61 -8.86 8.21
N ARG A 75 35.16 -9.93 8.76
CA ARG A 75 36.51 -9.87 9.27
C ARG A 75 37.43 -9.43 8.15
N VAL A 76 37.28 -10.05 6.99
CA VAL A 76 38.09 -9.67 5.86
C VAL A 76 37.73 -8.27 5.45
N ASP A 77 36.45 -7.99 5.30
CA ASP A 77 35.98 -6.67 4.88
C ASP A 77 36.63 -5.55 5.71
N LEU A 78 36.77 -5.83 6.99
CA LEU A 78 37.23 -4.86 7.97
C LEU A 78 38.71 -4.51 7.83
N ARG A 79 39.54 -5.50 7.56
CA ARG A 79 40.94 -5.28 7.22
C ARG A 79 41.06 -4.55 5.92
N THR A 80 40.21 -4.87 4.98
CA THR A 80 40.31 -4.31 3.66
C THR A 80 40.04 -2.85 3.69
N LEU A 81 39.04 -2.43 4.44
CA LEU A 81 38.72 -0.99 4.49
C LEU A 81 39.83 -0.22 5.24
N LEU A 82 40.56 -0.94 6.09
CA LEU A 82 41.69 -0.35 6.76
C LEU A 82 42.72 0.14 5.75
N GLY A 83 42.99 -0.71 4.75
CA GLY A 83 43.93 -0.38 3.70
C GLY A 83 43.35 0.67 2.80
N TYR A 84 42.11 0.49 2.37
CA TYR A 84 41.46 1.43 1.45
C TYR A 84 41.56 2.87 1.96
N TYR A 85 41.09 3.07 3.20
CA TYR A 85 41.09 4.37 3.90
C TYR A 85 42.41 4.73 4.56
N ASN A 86 43.45 3.99 4.22
CA ASN A 86 44.75 4.16 4.87
C ASN A 86 44.62 4.36 6.41
N GLN A 87 43.78 3.58 7.07
CA GLN A 87 43.66 3.66 8.51
C GLN A 87 44.55 2.64 9.18
N SER A 88 44.98 2.95 10.40
CA SER A 88 45.92 2.11 11.15
C SER A 88 45.22 1.01 11.90
N LYS A 89 45.89 -0.14 11.98
CA LYS A 89 45.33 -1.34 12.61
C LYS A 89 44.79 -1.13 14.06
N GLY A 90 45.19 -0.06 14.74
CA GLY A 90 44.95 0.06 16.17
C GLY A 90 43.61 0.61 16.64
N GLY A 91 42.75 1.04 15.73
CA GLY A 91 41.44 1.62 16.07
C GLY A 91 40.23 0.72 15.85
N SER A 92 39.10 1.08 16.41
CA SER A 92 37.91 0.27 16.23
C SER A 92 37.00 0.82 15.16
N HIS A 93 36.66 -0.01 14.18
CA HIS A 93 35.79 0.38 13.09
C HIS A 93 34.54 -0.48 12.96
N THR A 94 33.49 0.09 12.36
CA THR A 94 32.20 -0.57 12.12
C THR A 94 31.80 -0.67 10.63
N ILE A 95 31.37 -1.83 10.19
CA ILE A 95 30.64 -2.02 8.93
C ILE A 95 29.16 -2.32 9.24
N GLN A 96 28.27 -1.85 8.36
CA GLN A 96 26.83 -2.00 8.53
C GLN A 96 26.19 -2.38 7.22
N VAL A 97 25.26 -3.32 7.29
CA VAL A 97 24.53 -3.77 6.14
C VAL A 97 23.04 -3.76 6.42
N ILE A 98 22.28 -3.16 5.51
CA ILE A 98 20.86 -3.28 5.49
C ILE A 98 20.53 -4.04 4.22
N SER A 99 19.83 -5.18 4.33
CA SER A 99 19.55 -6.07 3.21
C SER A 99 18.17 -6.63 3.41
N GLY A 100 17.46 -6.84 2.30
CA GLY A 100 16.10 -7.36 2.30
C GLY A 100 15.32 -7.04 1.02
N CYS A 101 14.03 -7.32 1.07
CA CYS A 101 13.12 -6.95 -0.01
C CYS A 101 11.72 -6.68 0.53
N GLU A 102 11.04 -5.67 0.01
CA GLU A 102 9.64 -5.48 0.34
C GLU A 102 8.86 -6.06 -0.81
N VAL A 103 7.62 -6.48 -0.53
CA VAL A 103 6.64 -6.92 -1.52
C VAL A 103 5.24 -6.26 -1.30
N GLY A 104 4.40 -6.35 -2.34
CA GLY A 104 3.04 -5.84 -2.29
C GLY A 104 2.13 -6.93 -1.81
N SER A 105 0.83 -6.64 -1.71
CA SER A 105 -0.17 -7.56 -1.09
C SER A 105 -0.48 -8.77 -2.00
N ASP A 106 -0.23 -8.58 -3.29
CA ASP A 106 -0.25 -9.68 -4.26
C ASP A 106 0.96 -10.58 -4.06
N GLY A 107 1.86 -10.18 -3.17
CA GLY A 107 3.03 -10.95 -2.84
C GLY A 107 4.19 -10.81 -3.81
N ARG A 108 4.06 -9.90 -4.77
CA ARG A 108 5.08 -9.71 -5.80
C ARG A 108 6.16 -8.77 -5.30
N LEU A 109 7.38 -8.93 -5.80
CA LEU A 109 8.45 -7.98 -5.52
C LEU A 109 8.01 -6.52 -5.78
N LEU A 110 8.23 -5.69 -4.76
CA LEU A 110 7.98 -4.27 -4.75
C LEU A 110 9.31 -3.47 -4.82
N ARG A 111 10.37 -4.06 -4.30
CA ARG A 111 11.63 -3.35 -4.13
C ARG A 111 12.57 -4.28 -3.34
N GLY A 112 13.83 -4.20 -3.69
CA GLY A 112 14.88 -4.90 -3.00
C GLY A 112 16.01 -3.93 -2.75
N TYR A 113 16.93 -4.32 -1.89
CA TYR A 113 17.98 -3.43 -1.52
C TYR A 113 18.96 -4.11 -0.61
N GLN A 114 20.18 -3.59 -0.67
CA GLN A 114 21.27 -3.97 0.21
C GLN A 114 22.21 -2.78 0.35
N GLN A 115 22.41 -2.24 1.54
CA GLN A 115 23.26 -1.04 1.71
C GLN A 115 24.37 -1.27 2.71
N TYR A 116 25.54 -0.77 2.35
CA TYR A 116 26.69 -0.88 3.21
C TYR A 116 27.16 0.52 3.61
N ALA A 117 27.70 0.59 4.83
CA ALA A 117 28.27 1.80 5.39
C ALA A 117 29.47 1.39 6.18
N TYR A 118 30.41 2.30 6.34
CA TYR A 118 31.61 2.05 7.10
C TYR A 118 31.81 3.26 7.97
N ASP A 119 32.19 3.00 9.22
CA ASP A 119 32.27 4.00 10.30
C ASP A 119 31.15 5.02 10.32
N GLY A 120 29.92 4.60 10.03
CA GLY A 120 28.79 5.51 10.05
C GLY A 120 28.34 6.03 8.70
N CYS A 121 29.27 6.34 7.82
CA CYS A 121 28.96 6.91 6.50
C CYS A 121 28.72 5.89 5.40
N ASP A 122 27.93 6.30 4.42
CA ASP A 122 27.55 5.42 3.33
C ASP A 122 28.81 4.98 2.62
N TYR A 123 28.79 3.73 2.18
CA TYR A 123 29.88 3.15 1.42
C TYR A 123 29.40 2.81 0.01
N ILE A 124 28.48 1.86 -0.10
CA ILE A 124 28.06 1.37 -1.40
C ILE A 124 26.70 0.73 -1.26
N ALA A 125 25.87 0.86 -2.30
CA ALA A 125 24.51 0.39 -2.24
C ALA A 125 23.95 0.02 -3.62
N LEU A 126 23.23 -1.10 -3.66
CA LEU A 126 22.59 -1.58 -4.87
C LEU A 126 21.45 -0.65 -5.24
N ASN A 127 21.47 -0.17 -6.48
CA ASN A 127 20.43 0.72 -6.99
C ASN A 127 19.19 -0.07 -7.28
N GLU A 128 18.07 0.61 -7.58
CA GLU A 128 16.73 -0.01 -7.65
C GLU A 128 16.47 -0.84 -8.88
N ASP A 129 17.29 -0.64 -9.92
CA ASP A 129 17.24 -1.47 -11.12
C ASP A 129 17.79 -2.86 -10.86
N LEU A 130 18.38 -3.08 -9.68
CA LEU A 130 18.92 -4.38 -9.28
C LEU A 130 20.08 -4.83 -10.18
N LYS A 131 20.68 -3.85 -10.84
CA LYS A 131 21.82 -4.06 -11.74
C LYS A 131 23.01 -3.24 -11.31
N THR A 132 22.85 -1.91 -11.21
CA THR A 132 23.97 -0.99 -10.91
C THR A 132 24.25 -0.80 -9.41
N TRP A 133 25.44 -0.28 -9.10
CA TRP A 133 25.87 0.03 -7.73
C TRP A 133 26.18 1.50 -7.66
N THR A 134 25.81 2.17 -6.56
CA THR A 134 26.22 3.57 -6.36
C THR A 134 27.23 3.65 -5.26
N ALA A 135 28.40 4.20 -5.57
CA ALA A 135 29.51 4.21 -4.62
C ALA A 135 29.51 5.54 -3.92
N ALA A 136 29.79 5.54 -2.63
CA ALA A 136 29.75 6.76 -1.82
C ALA A 136 31.00 7.58 -2.08
N ASP A 137 32.17 6.96 -1.98
CA ASP A 137 33.43 7.63 -2.28
C ASP A 137 34.35 6.73 -3.09
N MET A 138 35.52 7.24 -3.47
CA MET A 138 36.42 6.50 -4.34
C MET A 138 36.94 5.17 -3.76
N ALA A 139 36.86 5.00 -2.45
CA ALA A 139 37.32 3.78 -1.80
C ALA A 139 36.36 2.66 -2.11
N ALA A 140 35.08 2.95 -1.88
CA ALA A 140 33.97 2.07 -2.24
C ALA A 140 33.78 1.93 -3.77
N LEU A 141 34.52 2.72 -4.52
CA LEU A 141 34.60 2.59 -5.98
C LEU A 141 35.43 1.37 -6.47
N ILE A 142 36.41 0.97 -5.67
CA ILE A 142 37.18 -0.25 -5.91
C ILE A 142 36.30 -1.48 -5.72
N THR A 143 35.62 -1.52 -4.57
CA THR A 143 34.65 -2.56 -4.27
C THR A 143 33.63 -2.74 -5.36
N LYS A 144 33.12 -1.61 -5.88
CA LYS A 144 32.17 -1.61 -6.98
C LYS A 144 32.75 -2.38 -8.17
N HIS A 145 33.97 -1.99 -8.59
CA HIS A 145 34.61 -2.56 -9.77
C HIS A 145 34.79 -4.04 -9.55
N LYS A 146 35.13 -4.42 -8.32
CA LYS A 146 35.29 -5.84 -8.00
C LYS A 146 34.00 -6.58 -8.31
N TRP A 147 32.89 -6.04 -7.81
CA TRP A 147 31.59 -6.69 -7.91
C TRP A 147 30.95 -6.70 -9.31
N GLU A 148 31.35 -5.77 -10.19
CA GLU A 148 30.87 -5.81 -11.57
C GLU A 148 31.58 -6.94 -12.26
N GLN A 149 32.82 -7.12 -11.86
CA GLN A 149 33.68 -8.13 -12.45
C GLN A 149 33.26 -9.53 -12.01
N ALA A 150 32.63 -9.60 -10.84
CA ALA A 150 32.25 -10.88 -10.24
C ALA A 150 30.76 -11.16 -10.36
N GLY A 151 30.04 -10.39 -11.18
CA GLY A 151 28.60 -10.56 -11.29
C GLY A 151 27.89 -10.72 -9.94
N GLU A 152 28.29 -9.91 -8.98
CA GLU A 152 27.73 -9.96 -7.64
C GLU A 152 26.31 -9.42 -7.63
N ALA A 153 26.10 -8.42 -8.49
CA ALA A 153 24.81 -7.71 -8.61
C ALA A 153 23.69 -8.58 -9.18
N GLU A 154 23.97 -9.28 -10.27
CA GLU A 154 23.00 -10.23 -10.81
C GLU A 154 22.85 -11.46 -9.90
N ARG A 155 23.85 -11.72 -9.07
CA ARG A 155 23.77 -12.78 -8.08
C ARG A 155 22.87 -12.40 -6.91
N LEU A 156 23.02 -11.14 -6.46
CA LEU A 156 22.13 -10.49 -5.48
C LEU A 156 20.69 -10.40 -5.97
N ARG A 157 20.48 -10.16 -7.27
CA ARG A 157 19.12 -10.12 -7.86
C ARG A 157 18.49 -11.48 -7.89
N ALA A 158 19.28 -12.51 -8.04
CA ALA A 158 18.72 -13.83 -7.80
C ALA A 158 18.24 -13.96 -6.33
N TYR A 159 19.10 -13.66 -5.35
CA TYR A 159 18.64 -13.65 -3.95
C TYR A 159 17.43 -12.72 -3.80
N LEU A 160 17.53 -11.46 -4.14
CA LEU A 160 16.36 -10.57 -3.99
C LEU A 160 15.09 -11.04 -4.76
N GLU A 161 15.17 -11.17 -6.08
CA GLU A 161 14.01 -11.64 -6.86
C GLU A 161 13.42 -12.96 -6.37
N GLY A 162 14.26 -13.77 -5.73
CA GLY A 162 13.91 -15.16 -5.45
C GLY A 162 13.87 -15.49 -3.96
N THR A 163 15.03 -15.79 -3.39
CA THR A 163 15.08 -16.32 -2.04
C THR A 163 14.33 -15.43 -1.10
N CYS A 164 14.61 -14.14 -1.23
CA CYS A 164 14.11 -13.18 -0.28
C CYS A 164 12.61 -13.09 -0.40
N VAL A 165 12.03 -12.92 -1.60
CA VAL A 165 10.57 -12.74 -1.69
C VAL A 165 9.80 -14.01 -1.32
N GLU A 166 10.38 -15.15 -1.66
CA GLU A 166 9.73 -16.42 -1.42
C GLU A 166 9.72 -16.77 0.06
N TRP A 167 10.70 -16.33 0.85
CA TRP A 167 10.66 -16.61 2.30
C TRP A 167 9.87 -15.52 3.04
N LEU A 168 9.71 -14.35 2.45
CA LEU A 168 8.91 -13.30 3.07
C LEU A 168 7.48 -13.82 3.06
N ARG A 169 7.07 -14.22 1.85
CA ARG A 169 5.86 -15.02 1.63
C ARG A 169 5.74 -16.15 2.66
N ARG A 170 6.72 -17.05 2.72
CA ARG A 170 6.73 -18.07 3.75
C ARG A 170 6.38 -17.44 5.11
N TYR A 171 7.18 -16.48 5.56
CA TYR A 171 7.07 -15.92 6.93
C TYR A 171 5.72 -15.31 7.22
N LEU A 172 5.19 -14.61 6.23
CA LEU A 172 3.93 -13.88 6.37
C LEU A 172 2.81 -14.88 6.65
N LYS A 173 2.99 -16.11 6.19
CA LYS A 173 1.99 -17.15 6.29
C LYS A 173 2.22 -17.92 7.58
N ASN A 174 3.42 -18.45 7.79
CA ASN A 174 3.80 -19.09 9.05
C ASN A 174 3.32 -18.27 10.24
N GLY A 175 3.42 -16.95 10.10
CA GLY A 175 3.14 -16.05 11.19
C GLY A 175 2.07 -15.00 10.90
N ASN A 176 1.17 -15.31 9.99
CA ASN A 176 0.03 -14.45 9.68
C ASN A 176 -0.67 -13.92 10.92
N ALA A 177 -0.84 -14.75 11.93
CA ALA A 177 -1.58 -14.32 13.11
C ALA A 177 -0.89 -13.21 13.91
N THR A 178 0.41 -13.07 13.71
CA THR A 178 1.23 -12.13 14.45
C THR A 178 1.57 -10.94 13.60
N LEU A 179 2.03 -11.20 12.38
CA LEU A 179 2.59 -10.15 11.55
C LEU A 179 1.51 -9.37 10.87
N LEU A 180 0.36 -10.01 10.71
CA LEU A 180 -0.69 -9.42 9.91
C LEU A 180 -1.76 -8.80 10.76
N ARG A 181 -1.55 -8.77 12.07
CA ARG A 181 -2.55 -8.24 12.99
C ARG A 181 -2.56 -6.75 12.95
N THR A 182 -3.37 -6.16 13.81
CA THR A 182 -3.51 -4.72 13.85
C THR A 182 -4.01 -4.33 15.24
N ASP A 183 -3.10 -3.89 16.09
CA ASP A 183 -3.47 -3.33 17.37
C ASP A 183 -3.73 -1.84 17.23
N SER A 184 -4.96 -1.40 17.53
CA SER A 184 -5.33 0.04 17.49
C SER A 184 -4.70 0.71 18.69
N PRO A 185 -4.31 1.97 18.54
CA PRO A 185 -3.81 2.73 19.67
C PRO A 185 -4.92 3.20 20.58
N LYS A 186 -4.56 3.30 21.88
CA LYS A 186 -5.39 3.89 22.92
C LYS A 186 -4.68 5.18 23.30
N ALA A 187 -5.42 6.28 23.41
CA ALA A 187 -4.78 7.58 23.58
C ALA A 187 -5.27 8.43 24.76
N HIS A 188 -4.45 9.38 25.15
CA HIS A 188 -4.79 10.35 26.20
C HIS A 188 -3.90 11.57 26.06
N VAL A 189 -4.09 12.53 26.94
CA VAL A 189 -3.34 13.79 26.94
C VAL A 189 -2.90 14.11 28.37
N THR A 190 -1.70 14.66 28.53
CA THR A 190 -1.20 14.97 29.86
C THR A 190 -0.96 16.44 29.90
N HIS A 191 -1.02 16.99 31.11
CA HIS A 191 -0.98 18.43 31.34
C HIS A 191 0.22 18.69 32.21
N HIS A 192 0.96 19.75 31.87
CA HIS A 192 2.16 20.13 32.59
C HIS A 192 2.38 21.65 32.70
N SER A 193 2.68 22.06 33.92
CA SER A 193 2.89 23.47 34.23
C SER A 193 4.10 23.97 33.51
N ARG A 194 4.25 25.28 33.46
CA ARG A 194 5.34 25.93 32.71
C ARG A 194 5.40 27.40 33.10
N PRO A 195 6.60 27.96 33.31
CA PRO A 195 6.72 29.40 33.67
C PRO A 195 6.20 30.34 32.57
N GLU A 196 5.77 31.54 32.96
CA GLU A 196 5.32 32.55 31.99
C GLU A 196 3.84 32.36 31.62
N ASP A 197 3.08 31.60 32.43
CA ASP A 197 1.66 31.33 32.16
C ASP A 197 1.51 30.64 30.81
N LYS A 198 2.33 29.61 30.61
CA LYS A 198 2.28 28.68 29.48
C LYS A 198 2.01 27.24 30.00
N VAL A 199 1.74 26.31 29.09
CA VAL A 199 1.32 24.95 29.44
C VAL A 199 1.67 23.96 28.32
N THR A 200 2.20 22.79 28.73
CA THR A 200 2.57 21.68 27.82
C THR A 200 1.52 20.54 27.80
N LEU A 201 1.05 20.28 26.59
CA LEU A 201 0.06 19.28 26.32
C LEU A 201 0.73 18.24 25.51
N ARG A 202 0.94 17.08 26.12
CA ARG A 202 1.44 15.92 25.44
C ARG A 202 0.28 14.95 25.13
N CYS A 203 0.18 14.57 23.85
CA CYS A 203 -0.76 13.52 23.38
C CYS A 203 -0.07 12.16 23.23
N TRP A 204 -0.43 11.19 24.05
CA TRP A 204 0.18 9.88 24.03
C TRP A 204 -0.68 8.96 23.21
N ALA A 205 -0.03 8.01 22.52
CA ALA A 205 -0.74 6.91 21.81
C ALA A 205 0.01 5.67 22.16
N LEU A 206 -0.69 4.62 22.62
CA LEU A 206 -0.02 3.42 23.15
C LEU A 206 -0.56 2.11 22.57
N GLY A 207 0.19 1.04 22.84
CA GLY A 207 -0.19 -0.33 22.50
C GLY A 207 -0.74 -0.55 21.12
N PHE A 208 0.03 -0.18 20.10
CA PHE A 208 -0.44 -0.31 18.72
C PHE A 208 0.54 -0.98 17.81
N TYR A 209 0.01 -1.59 16.75
CA TYR A 209 0.82 -2.27 15.72
C TYR A 209 0.00 -2.30 14.44
N PRO A 210 0.60 -2.06 13.28
CA PRO A 210 2.04 -1.79 13.12
C PRO A 210 2.53 -0.43 13.63
N ALA A 211 3.85 -0.25 13.55
CA ALA A 211 4.55 0.93 14.08
C ALA A 211 4.12 2.24 13.47
N ASP A 212 3.62 2.19 12.26
CA ASP A 212 3.22 3.40 11.55
C ASP A 212 1.94 4.04 12.19
N ILE A 213 2.07 5.36 12.43
CA ILE A 213 1.07 6.19 13.10
C ILE A 213 1.32 7.65 12.85
N THR A 214 0.31 8.48 13.04
CA THR A 214 0.51 9.91 12.96
C THR A 214 -0.27 10.58 14.06
N LEU A 215 0.39 11.49 14.77
CA LEU A 215 -0.25 12.29 15.78
C LEU A 215 -0.17 13.73 15.35
N THR A 216 -1.26 14.47 15.40
CA THR A 216 -1.16 15.91 15.24
C THR A 216 -1.97 16.65 16.28
N TRP A 217 -1.50 17.83 16.65
CA TRP A 217 -2.26 18.76 17.45
C TRP A 217 -2.87 19.77 16.47
N GLN A 218 -4.15 20.06 16.64
CA GLN A 218 -4.83 21.05 15.82
C GLN A 218 -5.36 22.20 16.67
N LEU A 219 -5.88 23.21 15.97
CA LEU A 219 -6.50 24.37 16.59
C LEU A 219 -7.38 25.05 15.54
N ASN A 220 -8.70 24.83 15.61
CA ASN A 220 -9.67 25.52 14.73
C ASN A 220 -9.45 25.31 13.21
N GLY A 221 -8.94 24.14 12.85
CA GLY A 221 -8.77 23.76 11.46
C GLY A 221 -7.39 23.98 10.86
N GLU A 222 -6.33 23.86 11.67
CA GLU A 222 -4.97 23.84 11.14
C GLU A 222 -3.94 23.26 12.12
N GLU A 223 -3.15 22.30 11.60
CA GLU A 223 -2.13 21.58 12.37
C GLU A 223 -0.94 22.50 12.73
N LEU A 224 -0.20 22.15 13.78
CA LEU A 224 0.93 22.98 14.22
C LEU A 224 2.26 22.20 14.22
N ILE A 225 2.55 21.51 13.10
CA ILE A 225 3.77 20.62 12.93
C ILE A 225 5.09 21.24 13.42
N GLN A 226 5.13 22.55 13.33
CA GLN A 226 6.31 23.35 13.52
C GLN A 226 6.56 23.58 15.03
N ASP A 227 5.52 24.05 15.71
CA ASP A 227 5.56 24.37 17.14
C ASP A 227 5.15 23.14 18.00
N MET A 228 5.37 21.96 17.41
CA MET A 228 5.11 20.67 18.01
C MET A 228 6.44 20.16 18.53
N GLU A 229 6.42 18.96 19.10
CA GLU A 229 7.65 18.31 19.50
C GLU A 229 7.32 16.86 19.75
N LEU A 230 7.79 15.98 18.86
CA LEU A 230 7.49 14.55 18.95
C LEU A 230 8.71 13.66 19.24
N VAL A 231 8.46 12.39 19.55
CA VAL A 231 9.51 11.41 19.66
C VAL A 231 9.25 10.32 18.64
N GLU A 232 10.32 9.90 17.97
CA GLU A 232 10.22 8.81 17.06
C GLU A 232 9.38 7.70 17.71
N THR A 233 8.45 7.13 16.93
CA THR A 233 7.74 5.96 17.33
C THR A 233 8.72 4.96 17.93
N ARG A 234 8.26 4.24 18.93
CA ARG A 234 9.14 3.37 19.70
C ARG A 234 8.56 2.01 20.00
N PRO A 235 9.44 1.04 20.15
CA PRO A 235 9.08 -0.28 20.64
C PRO A 235 8.69 -0.23 22.10
N ALA A 236 7.61 -0.89 22.51
CA ALA A 236 7.25 -0.90 23.93
C ALA A 236 7.63 -2.16 24.62
N GLY A 237 8.43 -2.99 23.99
CA GLY A 237 9.00 -4.16 24.66
C GLY A 237 8.15 -5.42 24.61
N ASP A 238 7.04 -5.37 23.86
CA ASP A 238 6.14 -6.51 23.70
C ASP A 238 5.57 -6.65 22.30
N GLY A 239 6.34 -6.23 21.31
CA GLY A 239 5.86 -6.17 19.93
C GLY A 239 4.79 -5.11 19.65
N THR A 240 4.68 -4.09 20.48
CA THR A 240 3.85 -2.94 20.13
C THR A 240 4.61 -1.63 20.23
N PHE A 241 4.09 -0.60 19.58
CA PHE A 241 4.75 0.68 19.61
C PHE A 241 3.98 1.73 20.39
N GLN A 242 4.59 2.89 20.57
CA GLN A 242 3.92 4.06 21.14
C GLN A 242 4.67 5.29 20.66
N LYS A 243 3.95 6.40 20.59
CA LYS A 243 4.49 7.68 20.21
C LYS A 243 3.81 8.75 21.04
N TRP A 244 4.52 9.84 21.29
CA TRP A 244 3.90 11.01 21.91
C TRP A 244 4.32 12.29 21.23
N ALA A 245 3.40 13.23 21.11
CA ALA A 245 3.74 14.55 20.58
C ALA A 245 3.16 15.63 21.51
N SER A 246 3.97 16.63 21.84
CA SER A 246 3.54 17.69 22.71
C SER A 246 3.54 19.01 21.99
N VAL A 247 2.88 19.97 22.60
CA VAL A 247 2.70 21.30 22.03
C VAL A 247 2.56 22.30 23.17
N VAL A 248 3.06 23.52 23.01
CA VAL A 248 3.05 24.47 24.12
C VAL A 248 1.89 25.42 23.90
N VAL A 249 0.85 25.33 24.71
CA VAL A 249 -0.26 26.28 24.59
C VAL A 249 -0.33 27.21 25.80
N PRO A 250 -0.98 28.37 25.62
CA PRO A 250 -1.15 29.33 26.70
C PRO A 250 -2.27 28.93 27.69
N LEU A 251 -2.00 29.04 28.99
CA LEU A 251 -2.95 28.69 30.05
C LEU A 251 -4.33 29.33 29.79
N GLY A 252 -5.40 28.59 30.11
CA GLY A 252 -6.78 29.01 29.80
C GLY A 252 -7.36 28.69 28.41
N LYS A 253 -6.48 28.52 27.41
CA LYS A 253 -6.90 28.26 26.04
C LYS A 253 -6.36 26.93 25.53
N GLU A 254 -6.22 25.95 26.42
CA GLU A 254 -5.79 24.61 26.03
C GLU A 254 -6.98 23.78 25.58
N GLN A 255 -8.14 24.24 26.00
CA GLN A 255 -9.42 23.66 25.64
C GLN A 255 -9.67 23.65 24.14
N TYR A 256 -9.02 24.59 23.46
CA TYR A 256 -9.20 24.84 22.03
C TYR A 256 -8.22 24.06 21.13
N TYR A 257 -7.20 23.45 21.72
CA TYR A 257 -6.28 22.61 20.96
C TYR A 257 -6.81 21.15 21.00
N THR A 258 -6.76 20.43 19.86
CA THR A 258 -7.21 19.02 19.79
C THR A 258 -6.16 18.12 19.18
N CYS A 259 -6.09 16.88 19.64
CA CYS A 259 -5.08 15.92 19.18
C CYS A 259 -5.69 14.88 18.25
N HIS A 260 -4.93 14.46 17.24
CA HIS A 260 -5.45 13.56 16.22
C HIS A 260 -4.52 12.38 16.01
N VAL A 261 -5.08 11.17 16.02
CA VAL A 261 -4.28 9.94 15.88
C VAL A 261 -4.75 9.11 14.68
N TYR A 262 -3.82 8.80 13.78
CA TYR A 262 -4.12 8.14 12.53
C TYR A 262 -3.40 6.82 12.56
N HIS A 263 -4.11 5.73 12.24
CA HIS A 263 -3.48 4.38 12.25
C HIS A 263 -4.34 3.32 11.58
N GLN A 264 -3.73 2.19 11.22
CA GLN A 264 -4.44 1.07 10.55
C GLN A 264 -5.62 0.55 11.34
N GLY A 265 -5.49 0.46 12.65
CA GLY A 265 -6.60 0.02 13.48
C GLY A 265 -7.61 1.11 13.82
N LEU A 266 -7.52 2.25 13.15
CA LEU A 266 -8.44 3.36 13.42
C LEU A 266 -9.27 3.72 12.20
N PRO A 267 -10.40 3.04 12.00
CA PRO A 267 -11.29 3.33 10.88
C PRO A 267 -11.43 4.84 10.71
N GLU A 268 -11.47 5.51 11.86
CA GLU A 268 -11.59 6.94 11.96
C GLU A 268 -10.55 7.45 12.95
N PRO A 269 -9.83 8.49 12.59
CA PRO A 269 -8.78 8.99 13.47
C PRO A 269 -9.34 9.26 14.86
N LEU A 270 -8.46 9.34 15.85
CA LEU A 270 -8.87 9.70 17.20
C LEU A 270 -8.76 11.20 17.39
N THR A 271 -9.70 11.77 18.13
CA THR A 271 -9.61 13.19 18.47
C THR A 271 -9.82 13.40 19.97
N LEU A 272 -8.83 13.97 20.66
CA LEU A 272 -8.97 14.24 22.10
C LEU A 272 -8.33 15.56 22.46
N ARG A 273 -8.88 16.23 23.47
CA ARG A 273 -8.47 17.61 23.82
C ARG A 273 -7.79 17.76 25.19
N TRP A 274 -8.49 17.38 26.25
CA TRP A 274 -7.92 17.29 27.62
C TRP A 274 -8.94 16.77 28.66
N GLU A 275 -8.40 16.15 29.69
CA GLU A 275 -9.09 15.73 30.91
C GLU A 275 -8.92 16.79 32.05
N PRO A 276 -9.66 17.91 32.01
CA PRO A 276 -9.61 18.84 33.13
C PRO A 276 -9.82 18.06 34.43
N ILE B 1 32.90 9.57 13.22
CA ILE B 1 31.82 10.41 13.82
C ILE B 1 31.34 9.87 15.16
N GLN B 2 30.92 10.77 16.01
CA GLN B 2 30.31 10.46 17.30
C GLN B 2 28.93 11.04 17.28
N LYS B 3 28.00 10.35 17.94
CA LYS B 3 26.64 10.83 18.11
C LYS B 3 26.15 10.41 19.48
N THR B 4 25.43 11.30 20.17
CA THR B 4 24.99 11.03 21.57
C THR B 4 23.69 10.26 21.65
N PRO B 5 23.63 9.28 22.53
CA PRO B 5 22.38 8.58 22.83
C PRO B 5 21.26 9.52 23.25
N GLN B 6 20.08 9.18 22.74
CA GLN B 6 18.81 9.70 23.19
C GLN B 6 18.21 8.59 24.01
N ILE B 7 18.15 8.80 25.32
CA ILE B 7 17.65 7.80 26.23
C ILE B 7 16.22 8.17 26.64
N GLN B 8 15.26 7.33 26.32
CA GLN B 8 13.88 7.57 26.68
C GLN B 8 13.48 6.44 27.63
N VAL B 9 12.89 6.75 28.79
CA VAL B 9 12.42 5.72 29.73
C VAL B 9 10.89 5.69 29.93
N TYR B 10 10.25 4.59 29.61
CA TYR B 10 8.81 4.59 29.50
C TYR B 10 8.12 3.25 29.67
N SER B 11 7.00 3.25 30.38
CA SER B 11 6.25 2.02 30.58
C SER B 11 5.33 1.66 29.37
N ARG B 12 5.07 0.37 29.26
CA ARG B 12 4.24 -0.13 28.22
C ARG B 12 2.85 0.42 28.39
N HIS B 13 2.33 0.34 29.62
CA HIS B 13 1.03 0.89 29.97
C HIS B 13 1.20 2.05 30.89
N PRO B 14 0.16 2.88 31.07
CA PRO B 14 0.18 3.89 32.14
C PRO B 14 0.29 3.23 33.51
N PRO B 15 1.18 3.74 34.36
CA PRO B 15 1.51 3.11 35.62
C PRO B 15 0.38 3.10 36.59
N GLU B 16 0.30 2.02 37.36
CA GLU B 16 -0.75 1.79 38.32
C GLU B 16 -0.13 0.92 39.42
N ASN B 17 -0.09 1.40 40.65
CA ASN B 17 0.63 0.68 41.71
C ASN B 17 0.11 -0.75 41.80
N GLY B 18 1.00 -1.73 41.97
CA GLY B 18 0.59 -3.12 42.17
C GLY B 18 0.21 -3.95 40.93
N LYS B 19 0.10 -3.29 39.76
CA LYS B 19 -0.22 -3.90 38.45
C LYS B 19 1.04 -4.14 37.61
N PRO B 20 1.14 -5.30 36.97
CA PRO B 20 2.30 -5.65 36.17
C PRO B 20 2.44 -4.78 34.93
N ASN B 21 3.70 -4.60 34.52
CA ASN B 21 4.07 -3.73 33.40
C ASN B 21 5.45 -4.13 32.81
N ILE B 22 5.78 -3.58 31.65
CA ILE B 22 7.15 -3.61 31.13
C ILE B 22 7.75 -2.22 31.36
N LEU B 23 9.01 -2.17 31.75
CA LEU B 23 9.74 -0.92 31.83
C LEU B 23 10.61 -0.81 30.63
N ASN B 24 10.61 0.34 29.98
CA ASN B 24 11.41 0.52 28.78
C ASN B 24 12.54 1.54 28.91
N CYS B 25 13.66 1.22 28.31
CA CYS B 25 14.72 2.19 28.12
C CYS B 25 15.18 2.10 26.68
N TYR B 26 14.63 2.93 25.80
CA TYR B 26 14.98 2.94 24.40
C TYR B 26 16.15 3.89 24.28
N VAL B 27 17.22 3.44 23.64
CA VAL B 27 18.49 4.20 23.54
C VAL B 27 18.76 4.34 22.07
N THR B 28 18.72 5.55 21.54
CA THR B 28 18.66 5.69 20.08
C THR B 28 19.68 6.65 19.48
N GLN B 29 19.73 6.65 18.16
CA GLN B 29 20.57 7.59 17.45
C GLN B 29 22.01 7.71 18.03
N PHE B 30 22.71 6.59 18.13
CA PHE B 30 24.05 6.56 18.70
C PHE B 30 25.03 5.84 17.81
N HIS B 31 26.28 6.24 17.94
CA HIS B 31 27.39 5.72 17.18
C HIS B 31 28.69 6.19 17.80
N PRO B 32 29.69 5.35 18.06
CA PRO B 32 29.74 3.96 17.63
C PRO B 32 28.73 3.11 18.41
N PRO B 33 28.57 1.84 18.02
CA PRO B 33 27.65 0.94 18.70
C PRO B 33 28.05 0.50 20.12
N HIS B 34 29.35 0.50 20.49
CA HIS B 34 29.68 0.01 21.84
C HIS B 34 28.95 0.90 22.81
N ILE B 35 28.16 0.27 23.66
CA ILE B 35 27.31 0.99 24.59
C ILE B 35 26.98 0.12 25.78
N GLU B 36 26.85 0.73 26.96
CA GLU B 36 26.52 0.01 28.18
C GLU B 36 25.20 0.55 28.69
N ILE B 37 24.22 -0.34 28.88
CA ILE B 37 22.85 0.02 29.26
C ILE B 37 22.40 -0.79 30.48
N GLN B 38 22.25 -0.11 31.60
CA GLN B 38 21.73 -0.73 32.81
C GLN B 38 20.44 -0.05 33.26
N MET B 39 19.42 -0.86 33.49
CA MET B 39 18.21 -0.41 34.11
C MET B 39 18.49 -0.55 35.58
N LEU B 40 17.91 0.36 36.37
CA LEU B 40 18.11 0.43 37.82
C LEU B 40 16.79 0.52 38.54
N LYS B 41 16.70 -0.12 39.70
CA LYS B 41 15.58 0.05 40.63
C LYS B 41 16.13 0.45 41.97
N ASN B 42 15.67 1.60 42.46
CA ASN B 42 16.14 2.17 43.70
C ASN B 42 17.65 2.27 43.70
N GLY B 43 18.18 2.75 42.58
CA GLY B 43 19.61 2.91 42.44
C GLY B 43 20.38 1.62 42.28
N LYS B 44 19.68 0.48 42.31
CA LYS B 44 20.32 -0.82 42.20
C LYS B 44 20.21 -1.26 40.74
N LYS B 45 21.01 -2.22 40.32
CA LYS B 45 20.94 -2.75 38.96
C LYS B 45 19.93 -3.91 38.87
N ILE B 46 19.05 -3.87 37.85
CA ILE B 46 18.10 -4.95 37.59
C ILE B 46 18.76 -6.04 36.76
N PRO B 47 18.70 -7.27 37.24
CA PRO B 47 19.28 -8.43 36.52
C PRO B 47 18.51 -8.94 35.29
N LYS B 48 17.22 -9.17 35.45
CA LYS B 48 16.41 -9.77 34.40
C LYS B 48 16.10 -8.72 33.28
N VAL B 49 17.11 -8.34 32.51
CA VAL B 49 16.86 -7.32 31.51
C VAL B 49 17.13 -7.85 30.12
N GLU B 50 16.06 -7.86 29.30
CA GLU B 50 16.03 -8.29 27.89
C GLU B 50 16.46 -7.15 26.95
N MET B 51 17.38 -7.43 26.03
CA MET B 51 17.73 -6.50 24.96
C MET B 51 17.05 -6.94 23.68
N SER B 52 16.54 -6.00 22.91
CA SER B 52 15.81 -6.36 21.68
C SER B 52 15.72 -5.18 20.74
N ASP B 53 15.15 -5.44 19.57
CA ASP B 53 14.82 -4.40 18.63
C ASP B 53 15.99 -3.55 18.21
N MET B 54 17.14 -4.19 18.00
CA MET B 54 18.30 -3.46 17.52
C MET B 54 18.05 -3.10 16.05
N SER B 55 18.44 -1.89 15.66
CA SER B 55 18.30 -1.44 14.26
C SER B 55 19.07 -0.17 13.97
N PHE B 56 19.12 0.21 12.70
CA PHE B 56 19.72 1.50 12.31
C PHE B 56 18.73 2.35 11.54
N SER B 57 19.13 3.59 11.26
CA SER B 57 18.33 4.51 10.48
C SER B 57 19.04 4.80 9.16
N LYS B 58 18.39 5.48 8.22
CA LYS B 58 19.08 5.90 7.02
C LYS B 58 20.39 6.60 7.41
N ASP B 59 20.30 7.34 8.49
CA ASP B 59 21.39 8.02 9.16
C ASP B 59 22.55 7.05 9.53
N TRP B 60 22.20 5.84 9.92
CA TRP B 60 23.12 4.74 10.23
C TRP B 60 23.39 4.64 11.72
N SER B 61 22.76 5.55 12.49
CA SER B 61 22.91 5.53 13.94
C SER B 61 22.16 4.33 14.51
N PHE B 62 22.59 3.91 15.69
CA PHE B 62 22.13 2.68 16.28
C PHE B 62 20.92 2.92 17.19
N TYR B 63 20.07 1.91 17.27
CA TYR B 63 18.85 1.91 18.06
C TYR B 63 18.79 0.52 18.68
N ILE B 64 18.63 0.46 20.00
CA ILE B 64 18.56 -0.81 20.74
C ILE B 64 17.56 -0.62 21.91
N LEU B 65 17.00 -1.72 22.37
CA LEU B 65 15.95 -1.63 23.37
C LEU B 65 16.27 -2.51 24.54
N ALA B 66 16.21 -1.91 25.73
CA ALA B 66 16.26 -2.66 26.96
C ALA B 66 14.88 -2.57 27.52
N HIS B 67 14.43 -3.68 28.07
CA HIS B 67 13.18 -3.76 28.80
C HIS B 67 13.20 -4.91 29.83
N THR B 68 12.38 -4.76 30.85
CA THR B 68 12.27 -5.77 31.87
C THR B 68 10.87 -5.71 32.43
N GLU B 69 10.36 -6.79 33.00
CA GLU B 69 9.08 -6.70 33.68
C GLU B 69 9.29 -5.97 35.00
N PHE B 70 8.25 -5.27 35.44
CA PHE B 70 8.30 -4.53 36.70
C PHE B 70 6.90 -4.22 37.25
N THR B 71 6.83 -4.07 38.57
CA THR B 71 5.59 -3.69 39.22
C THR B 71 5.73 -2.38 39.99
N PRO B 72 5.09 -1.34 39.47
CA PRO B 72 5.16 0.00 40.08
C PRO B 72 4.78 0.05 41.55
N THR B 73 5.37 1.01 42.22
CA THR B 73 5.16 1.27 43.64
C THR B 73 5.35 2.76 43.78
N GLU B 74 4.69 3.37 44.73
CA GLU B 74 4.77 4.83 44.82
C GLU B 74 6.21 5.29 45.08
N THR B 75 6.91 4.54 45.94
CA THR B 75 8.26 4.88 46.40
C THR B 75 9.37 4.43 45.44
N ASP B 76 9.16 3.30 44.77
CA ASP B 76 10.17 2.75 43.87
C ASP B 76 10.53 3.70 42.71
N THR B 77 11.83 3.94 42.57
CA THR B 77 12.37 4.77 41.52
C THR B 77 13.06 3.88 40.50
N TYR B 78 12.76 4.09 39.23
CA TYR B 78 13.46 3.37 38.17
C TYR B 78 14.23 4.31 37.27
N ALA B 79 15.31 3.82 36.69
CA ALA B 79 16.20 4.65 35.90
C ALA B 79 16.94 3.85 34.83
N CYS B 80 17.57 4.57 33.91
CA CYS B 80 18.45 3.99 32.92
C CYS B 80 19.76 4.74 32.88
N ARG B 81 20.87 4.03 33.06
CA ARG B 81 22.18 4.66 32.89
C ARG B 81 22.92 4.11 31.69
N VAL B 82 23.37 4.99 30.81
CA VAL B 82 24.08 4.59 29.63
C VAL B 82 25.49 5.19 29.57
N LYS B 83 26.49 4.34 29.25
CA LYS B 83 27.89 4.73 28.95
C LYS B 83 28.21 4.63 27.46
N HIS B 84 28.77 5.67 26.87
CA HIS B 84 29.09 5.66 25.43
C HIS B 84 30.37 6.47 25.23
N ASP B 85 30.95 6.51 24.05
CA ASP B 85 32.17 7.32 23.92
C ASP B 85 31.88 8.78 23.65
N SER B 86 30.62 9.12 23.42
CA SER B 86 30.26 10.51 23.21
C SER B 86 29.83 11.24 24.50
N MET B 87 30.14 10.67 25.65
CA MET B 87 29.65 11.20 26.92
C MET B 87 30.71 11.35 27.95
N ALA B 88 30.87 12.58 28.40
CA ALA B 88 31.70 12.91 29.52
C ALA B 88 31.51 11.78 30.52
N GLU B 89 30.42 11.84 31.31
CA GLU B 89 30.12 10.84 32.34
C GLU B 89 28.92 9.98 31.92
N PRO B 90 28.71 8.85 32.62
CA PRO B 90 27.50 8.01 32.43
C PRO B 90 26.23 8.79 32.71
N LYS B 91 25.34 8.83 31.74
CA LYS B 91 24.14 9.63 31.84
C LYS B 91 23.05 8.74 32.31
N THR B 92 22.32 9.15 33.34
CA THR B 92 21.25 8.37 33.90
C THR B 92 19.91 9.06 33.75
N VAL B 93 18.96 8.40 33.09
CA VAL B 93 17.61 8.92 32.91
C VAL B 93 16.57 8.23 33.82
N TYR B 94 15.89 9.04 34.62
CA TYR B 94 14.88 8.58 35.53
C TYR B 94 13.52 8.42 34.83
N TRP B 95 12.73 7.47 35.32
CA TRP B 95 11.40 7.22 34.82
C TRP B 95 10.44 8.21 35.45
N ASP B 96 9.56 8.77 34.61
CA ASP B 96 8.62 9.81 35.01
C ASP B 96 7.19 9.42 34.76
N ARG B 97 6.47 8.93 35.77
CA ARG B 97 5.12 8.40 35.56
C ARG B 97 4.20 9.50 34.98
N ASP B 98 4.44 10.73 35.38
CA ASP B 98 3.55 11.83 35.06
C ASP B 98 3.62 12.26 33.62
N MET B 99 4.81 12.16 33.03
CA MET B 99 5.08 12.65 31.69
C MET B 99 3.91 12.39 30.73
N LYS C 1 18.94 -20.46 2.56
CA LYS C 1 17.67 -19.81 2.11
C LYS C 1 16.83 -18.94 3.14
N ALA C 2 17.35 -17.77 3.58
CA ALA C 2 16.49 -16.75 4.22
C ALA C 2 17.17 -15.38 4.22
N VAL C 3 18.35 -15.37 4.84
CA VAL C 3 19.29 -14.25 4.88
C VAL C 3 20.24 -14.34 3.68
N TYR C 4 21.02 -13.28 3.40
CA TYR C 4 21.92 -13.30 2.25
C TYR C 4 23.37 -13.78 2.49
N ASN C 5 23.92 -14.43 1.48
CA ASN C 5 25.28 -14.92 1.46
C ASN C 5 26.15 -13.72 1.09
N LEU C 6 26.62 -13.02 2.13
CA LEU C 6 27.30 -11.74 1.95
C LEU C 6 28.67 -11.82 1.30
N ALA C 7 28.88 -10.89 0.39
CA ALA C 7 30.09 -10.75 -0.39
C ALA C 7 31.18 -9.99 0.37
N THR C 8 32.40 -10.15 -0.13
CA THR C 8 33.54 -9.43 0.43
C THR C 8 33.76 -8.22 -0.47
N MET C 9 34.18 -7.13 0.15
CA MET C 9 34.45 -5.86 -0.52
C MET C 9 35.87 -5.79 -1.03
N GLY D 1 -4.02 -2.01 3.34
CA GLY D 1 -4.08 -1.42 1.97
C GLY D 1 -4.69 -0.03 1.94
N PRO D 2 -4.47 0.69 0.84
CA PRO D 2 -5.07 2.01 0.60
C PRO D 2 -6.45 1.86 0.01
N HIS D 3 -7.25 2.91 0.00
CA HIS D 3 -8.60 2.89 -0.59
C HIS D 3 -8.89 4.19 -1.33
N SER D 4 -9.99 4.24 -2.06
CA SER D 4 -10.32 5.46 -2.81
C SER D 4 -11.77 5.59 -3.12
N LEU D 5 -12.24 6.83 -3.12
CA LEU D 5 -13.54 7.21 -3.65
C LEU D 5 -13.38 7.76 -5.08
N ARG D 6 -14.18 7.25 -6.00
CA ARG D 6 -14.07 7.55 -7.42
C ARG D 6 -15.41 7.87 -8.11
N TYR D 7 -15.48 9.08 -8.64
CA TYR D 7 -16.60 9.47 -9.47
C TYR D 7 -16.29 9.39 -10.96
N PHE D 8 -17.18 8.73 -11.68
CA PHE D 8 -17.16 8.75 -13.12
C PHE D 8 -18.39 9.49 -13.64
N VAL D 9 -18.24 10.73 -14.06
CA VAL D 9 -19.40 11.50 -14.56
C VAL D 9 -19.30 11.85 -16.04
N THR D 10 -20.41 11.68 -16.74
CA THR D 10 -20.48 11.90 -18.20
C THR D 10 -21.56 12.89 -18.56
N ALA D 11 -21.29 13.75 -19.52
CA ALA D 11 -22.36 14.56 -20.14
C ALA D 11 -22.25 14.35 -21.62
N VAL D 12 -23.36 14.41 -22.32
CA VAL D 12 -23.34 14.11 -23.76
C VAL D 12 -24.57 14.66 -24.46
N SER D 13 -24.36 15.71 -25.24
CA SER D 13 -25.40 16.30 -26.06
C SER D 13 -26.00 15.32 -27.08
N ARG D 14 -27.29 15.48 -27.33
CA ARG D 14 -28.00 14.77 -28.40
C ARG D 14 -28.89 15.78 -29.13
N PRO D 15 -28.27 16.62 -29.96
CA PRO D 15 -29.03 17.59 -30.74
C PRO D 15 -30.27 16.97 -31.39
N GLY D 16 -31.36 17.74 -31.36
CA GLY D 16 -32.63 17.32 -31.94
C GLY D 16 -33.45 16.42 -31.03
N LEU D 17 -32.82 15.90 -29.99
CA LEU D 17 -33.43 14.90 -29.13
C LEU D 17 -33.50 15.38 -27.67
N GLY D 18 -33.40 16.70 -27.46
CA GLY D 18 -33.57 17.29 -26.14
C GLY D 18 -32.31 17.58 -25.35
N GLU D 19 -32.47 17.78 -24.04
CA GLU D 19 -31.34 17.98 -23.10
C GLU D 19 -30.39 16.78 -23.12
N PRO D 20 -29.12 17.02 -22.85
CA PRO D 20 -28.10 15.97 -22.77
C PRO D 20 -28.40 14.81 -21.82
N ARG D 21 -27.65 13.73 -22.04
CA ARG D 21 -27.61 12.60 -21.13
C ARG D 21 -26.59 12.97 -20.08
N TYR D 22 -26.98 13.02 -18.83
CA TYR D 22 -25.98 13.19 -17.77
C TYR D 22 -26.01 12.04 -16.75
N MET D 23 -24.88 11.39 -16.58
CA MET D 23 -24.79 10.30 -15.65
C MET D 23 -23.64 10.47 -14.68
N GLU D 24 -23.77 9.87 -13.53
CA GLU D 24 -22.76 9.95 -12.49
C GLU D 24 -22.67 8.60 -11.88
N VAL D 25 -21.47 8.02 -11.87
CA VAL D 25 -21.27 6.77 -11.16
C VAL D 25 -20.15 6.95 -10.17
N GLY D 26 -20.35 6.36 -9.00
CA GLY D 26 -19.41 6.47 -7.90
C GLY D 26 -18.91 5.12 -7.45
N TYR D 27 -17.62 5.06 -7.19
CA TYR D 27 -16.93 3.83 -6.83
C TYR D 27 -16.08 4.01 -5.57
N VAL D 28 -16.26 3.14 -4.60
CA VAL D 28 -15.24 2.96 -3.57
C VAL D 28 -14.54 1.63 -3.92
N ASP D 29 -13.32 1.69 -4.45
CA ASP D 29 -12.51 0.51 -4.76
C ASP D 29 -13.24 -0.54 -5.60
N ASP D 30 -13.41 -0.32 -6.89
CA ASP D 30 -13.87 -1.44 -7.75
C ASP D 30 -15.26 -1.96 -7.36
N THR D 31 -15.90 -1.28 -6.41
CA THR D 31 -17.23 -1.60 -5.98
C THR D 31 -18.14 -0.42 -6.26
N GLU D 32 -18.97 -0.55 -7.28
CA GLU D 32 -19.97 0.45 -7.59
C GLU D 32 -20.89 0.65 -6.40
N PHE D 33 -20.96 1.88 -5.90
CA PHE D 33 -21.86 2.20 -4.80
C PHE D 33 -22.90 3.26 -5.10
N VAL D 34 -22.66 4.12 -6.10
CA VAL D 34 -23.66 5.15 -6.39
C VAL D 34 -23.81 5.48 -7.87
N ARG D 35 -25.03 5.95 -8.18
CA ARG D 35 -25.44 6.22 -9.55
C ARG D 35 -26.48 7.36 -9.65
N PHE D 36 -26.35 8.10 -10.73
CA PHE D 36 -27.35 9.08 -11.14
C PHE D 36 -27.46 8.98 -12.65
N ASP D 37 -28.65 9.18 -13.20
CA ASP D 37 -28.83 9.00 -14.63
C ASP D 37 -30.05 9.79 -15.05
N SER D 38 -29.81 10.92 -15.69
CA SER D 38 -30.88 11.85 -16.08
C SER D 38 -31.92 11.30 -17.04
N ASP D 39 -31.73 10.04 -17.46
CA ASP D 39 -32.66 9.28 -18.30
C ASP D 39 -33.53 8.30 -17.51
N ALA D 40 -33.37 8.28 -16.20
CA ALA D 40 -34.14 7.37 -15.37
C ALA D 40 -35.58 7.84 -15.48
N GLU D 41 -36.50 7.06 -14.94
CA GLU D 41 -37.89 7.49 -14.87
C GLU D 41 -37.99 8.78 -14.01
N ASN D 42 -37.44 8.67 -12.80
CA ASN D 42 -37.46 9.71 -11.77
C ASN D 42 -36.00 9.94 -11.40
N PRO D 43 -35.31 10.82 -12.11
CA PRO D 43 -33.86 10.95 -11.93
C PRO D 43 -33.47 11.37 -10.51
N ARG D 44 -32.91 10.43 -9.77
CA ARG D 44 -32.56 10.62 -8.35
C ARG D 44 -31.40 9.70 -7.91
N TYR D 45 -30.43 10.27 -7.20
CA TYR D 45 -29.29 9.49 -6.71
C TYR D 45 -29.88 8.26 -6.06
N GLU D 46 -29.39 7.11 -6.47
CA GLU D 46 -29.85 5.84 -5.94
C GLU D 46 -28.68 4.97 -5.47
N PRO D 47 -28.93 4.16 -4.45
CA PRO D 47 -27.89 3.28 -3.91
C PRO D 47 -27.63 2.14 -4.89
N ARG D 48 -26.37 1.70 -4.94
CA ARG D 48 -25.93 0.59 -5.80
C ARG D 48 -25.21 -0.44 -4.95
N ALA D 49 -25.55 -0.47 -3.68
CA ALA D 49 -24.85 -1.27 -2.69
C ALA D 49 -25.65 -1.18 -1.42
N ARG D 50 -25.86 -2.34 -0.78
CA ARG D 50 -26.63 -2.44 0.48
C ARG D 50 -26.14 -1.53 1.60
N TRP D 51 -24.82 -1.45 1.75
CA TRP D 51 -24.25 -0.53 2.74
C TRP D 51 -24.56 0.95 2.53
N MET D 52 -25.02 1.32 1.33
CA MET D 52 -25.44 2.70 1.08
C MET D 52 -26.91 2.94 1.37
N GLU D 53 -27.68 1.89 1.60
CA GLU D 53 -29.04 2.05 2.09
C GLU D 53 -28.99 2.71 3.48
N GLN D 54 -28.03 2.30 4.31
CA GLN D 54 -27.84 2.84 5.65
C GLN D 54 -28.13 4.33 5.67
N GLU D 55 -27.52 5.05 4.74
CA GLU D 55 -27.72 6.48 4.68
C GLU D 55 -29.21 6.84 4.73
N GLY D 56 -29.53 7.89 5.48
CA GLY D 56 -30.90 8.32 5.61
C GLY D 56 -31.35 9.16 4.43
N PRO D 57 -32.60 9.62 4.52
CA PRO D 57 -33.22 10.44 3.48
C PRO D 57 -32.42 11.68 3.13
N GLU D 58 -31.93 12.41 4.14
CA GLU D 58 -31.22 13.66 3.86
C GLU D 58 -30.12 13.47 2.81
N TYR D 59 -29.24 12.50 3.02
CA TYR D 59 -28.08 12.29 2.14
C TYR D 59 -28.57 12.25 0.71
N TRP D 60 -29.46 11.32 0.44
CA TRP D 60 -29.93 11.04 -0.93
C TRP D 60 -30.58 12.22 -1.65
N GLU D 61 -31.09 13.17 -0.89
CA GLU D 61 -31.68 14.34 -1.48
C GLU D 61 -30.59 15.34 -1.83
N ARG D 62 -29.57 15.45 -0.98
CA ARG D 62 -28.44 16.35 -1.18
C ARG D 62 -27.63 15.96 -2.38
N GLU D 63 -27.29 14.68 -2.46
CA GLU D 63 -26.57 14.15 -3.60
C GLU D 63 -27.40 14.31 -4.88
N THR D 64 -28.70 14.03 -4.78
CA THR D 64 -29.63 14.20 -5.88
C THR D 64 -29.70 15.64 -6.36
N GLN D 65 -29.49 16.60 -5.47
CA GLN D 65 -29.54 17.99 -5.89
C GLN D 65 -28.21 18.41 -6.49
N LYS D 66 -27.12 18.31 -5.75
CA LYS D 66 -25.82 18.68 -6.30
C LYS D 66 -25.46 17.93 -7.59
N ALA D 67 -26.18 16.81 -7.83
CA ALA D 67 -26.18 16.08 -9.10
C ALA D 67 -26.92 16.86 -10.20
N LYS D 68 -28.16 17.25 -9.89
CA LYS D 68 -29.00 18.06 -10.78
C LYS D 68 -28.30 19.36 -11.08
N GLY D 69 -27.57 19.88 -10.12
CA GLY D 69 -26.80 21.10 -10.34
C GLY D 69 -25.65 20.91 -11.32
N ASN D 70 -24.83 19.87 -11.10
CA ASN D 70 -23.76 19.43 -12.00
C ASN D 70 -24.29 19.21 -13.43
N GLU D 71 -25.43 18.52 -13.55
CA GLU D 71 -26.10 18.28 -14.84
C GLU D 71 -26.29 19.58 -15.58
N GLN D 72 -26.75 20.62 -14.86
CA GLN D 72 -26.97 21.94 -15.45
C GLN D 72 -25.65 22.57 -15.83
N SER D 73 -24.65 22.36 -14.99
CA SER D 73 -23.35 22.97 -15.19
C SER D 73 -22.74 22.47 -16.48
N PHE D 74 -22.93 21.19 -16.78
CA PHE D 74 -22.39 20.58 -18.00
C PHE D 74 -23.19 20.89 -19.23
N ARG D 75 -24.48 21.15 -19.07
CA ARG D 75 -25.23 21.73 -20.17
C ARG D 75 -24.48 22.98 -20.62
N VAL D 76 -24.14 23.83 -19.67
CA VAL D 76 -23.47 25.07 -20.01
C VAL D 76 -22.09 24.74 -20.56
N ASP D 77 -21.37 23.87 -19.86
CA ASP D 77 -20.04 23.45 -20.26
C ASP D 77 -20.02 23.05 -21.74
N LEU D 78 -21.06 22.31 -22.14
CA LEU D 78 -21.13 21.74 -23.47
C LEU D 78 -21.26 22.78 -24.57
N ARG D 79 -22.08 23.81 -24.33
CA ARG D 79 -22.24 24.95 -25.24
C ARG D 79 -20.97 25.75 -25.32
N THR D 80 -20.31 25.87 -24.18
CA THR D 80 -19.09 26.64 -24.12
C THR D 80 -18.02 26.03 -25.02
N LEU D 81 -17.79 24.74 -24.86
CA LEU D 81 -16.73 24.08 -25.63
C LEU D 81 -17.07 24.08 -27.14
N LEU D 82 -18.35 24.26 -27.45
CA LEU D 82 -18.77 24.44 -28.84
C LEU D 82 -18.15 25.70 -29.39
N GLY D 83 -18.22 26.78 -28.62
CA GLY D 83 -17.62 28.04 -29.04
C GLY D 83 -16.10 28.00 -29.03
N TYR D 84 -15.53 27.43 -27.97
CA TYR D 84 -14.10 27.33 -27.83
C TYR D 84 -13.49 26.66 -29.04
N TYR D 85 -13.99 25.47 -29.37
CA TYR D 85 -13.50 24.66 -30.50
C TYR D 85 -14.16 25.04 -31.84
N ASN D 86 -14.84 26.18 -31.87
CA ASN D 86 -15.56 26.64 -33.05
C ASN D 86 -16.38 25.55 -33.74
N GLN D 87 -16.98 24.65 -32.95
CA GLN D 87 -17.80 23.57 -33.48
C GLN D 87 -19.25 24.00 -33.65
N SER D 88 -19.95 23.36 -34.59
CA SER D 88 -21.32 23.74 -34.91
C SER D 88 -22.33 23.05 -34.00
N LYS D 89 -23.39 23.77 -33.69
CA LYS D 89 -24.44 23.31 -32.76
C LYS D 89 -25.07 21.96 -33.15
N GLY D 90 -24.82 21.45 -34.37
CA GLY D 90 -25.53 20.28 -34.90
C GLY D 90 -24.99 18.89 -34.57
N GLY D 91 -23.81 18.82 -33.97
CA GLY D 91 -23.17 17.54 -33.63
C GLY D 91 -23.25 17.16 -32.15
N SER D 92 -23.02 15.87 -31.88
CA SER D 92 -23.05 15.36 -30.51
C SER D 92 -21.68 15.35 -29.92
N HIS D 93 -21.51 16.00 -28.76
CA HIS D 93 -20.23 15.96 -28.03
C HIS D 93 -20.33 15.41 -26.59
N THR D 94 -19.20 14.93 -26.08
CA THR D 94 -19.09 14.34 -24.75
C THR D 94 -18.11 15.07 -23.83
N ILE D 95 -18.52 15.39 -22.60
CA ILE D 95 -17.60 15.78 -21.52
C ILE D 95 -17.45 14.65 -20.48
N GLN D 96 -16.24 14.45 -20.00
CA GLN D 96 -15.96 13.40 -19.01
C GLN D 96 -15.20 13.96 -17.81
N VAL D 97 -15.56 13.50 -16.62
CA VAL D 97 -14.87 13.92 -15.42
C VAL D 97 -14.59 12.71 -14.59
N ILE D 98 -13.34 12.60 -14.16
CA ILE D 98 -12.95 11.63 -13.15
C ILE D 98 -12.58 12.45 -11.93
N SER D 99 -13.23 12.19 -10.80
CA SER D 99 -12.99 12.98 -9.59
C SER D 99 -12.95 12.04 -8.39
N GLY D 100 -12.16 12.39 -7.39
CA GLY D 100 -12.07 11.58 -6.19
C GLY D 100 -10.80 11.79 -5.41
N CYS D 101 -10.58 10.90 -4.46
CA CYS D 101 -9.34 10.89 -3.67
C CYS D 101 -9.01 9.49 -3.21
N GLU D 102 -7.74 9.14 -3.20
CA GLU D 102 -7.32 7.91 -2.53
C GLU D 102 -6.75 8.26 -1.18
N VAL D 103 -6.81 7.32 -0.25
CA VAL D 103 -6.14 7.43 1.05
C VAL D 103 -5.33 6.16 1.41
N GLY D 104 -4.46 6.28 2.39
CA GLY D 104 -3.67 5.16 2.90
C GLY D 104 -4.46 4.45 3.97
N SER D 105 -3.83 3.48 4.61
CA SER D 105 -4.49 2.66 5.64
C SER D 105 -4.67 3.39 6.98
N ASP D 106 -3.80 4.36 7.20
CA ASP D 106 -3.97 5.27 8.34
C ASP D 106 -5.16 6.18 8.12
N GLY D 107 -5.74 6.13 6.94
CA GLY D 107 -6.90 6.95 6.58
C GLY D 107 -6.56 8.36 6.11
N ARG D 108 -5.27 8.65 5.93
CA ARG D 108 -4.82 9.98 5.54
C ARG D 108 -4.83 10.17 4.04
N LEU D 109 -5.13 11.38 3.57
CA LEU D 109 -5.00 11.68 2.15
C LEU D 109 -3.66 11.15 1.54
N LEU D 110 -3.81 10.41 0.45
CA LEU D 110 -2.71 9.85 -0.33
C LEU D 110 -2.57 10.55 -1.68
N ARG D 111 -3.68 11.10 -2.16
CA ARG D 111 -3.74 11.68 -3.50
C ARG D 111 -5.19 12.02 -3.84
N GLY D 112 -5.36 13.15 -4.49
CA GLY D 112 -6.66 13.59 -4.97
C GLY D 112 -6.50 13.91 -6.43
N TYR D 113 -7.60 14.15 -7.10
CA TYR D 113 -7.56 14.39 -8.53
C TYR D 113 -8.93 14.64 -9.07
N GLN D 114 -8.94 15.40 -10.15
CA GLN D 114 -10.16 15.65 -10.92
C GLN D 114 -9.76 15.91 -12.36
N GLN D 115 -10.19 15.06 -13.29
CA GLN D 115 -9.77 15.22 -14.68
C GLN D 115 -10.97 15.41 -15.60
N TYR D 116 -10.80 16.31 -16.55
CA TYR D 116 -11.80 16.55 -17.56
C TYR D 116 -11.24 16.17 -18.94
N ALA D 117 -12.14 15.74 -19.80
CA ALA D 117 -11.85 15.45 -21.20
C ALA D 117 -13.02 15.94 -22.02
N TYR D 118 -12.80 16.13 -23.31
CA TYR D 118 -13.86 16.54 -24.19
C TYR D 118 -13.69 15.77 -25.47
N ASP D 119 -14.80 15.25 -25.98
CA ASP D 119 -14.81 14.35 -27.11
C ASP D 119 -13.68 13.33 -27.07
N GLY D 120 -13.43 12.75 -25.91
CA GLY D 120 -12.43 11.69 -25.80
C GLY D 120 -11.07 12.17 -25.33
N CYS D 121 -10.59 13.30 -25.84
CA CYS D 121 -9.25 13.83 -25.51
C CYS D 121 -9.16 14.67 -24.25
N ASP D 122 -7.98 14.64 -23.63
CA ASP D 122 -7.78 15.35 -22.38
C ASP D 122 -8.05 16.81 -22.57
N TYR D 123 -8.67 17.42 -21.58
CA TYR D 123 -8.95 18.84 -21.61
C TYR D 123 -8.15 19.53 -20.52
N ILE D 124 -8.46 19.26 -19.26
CA ILE D 124 -7.82 19.95 -18.15
C ILE D 124 -7.86 19.06 -16.92
N ALA D 125 -6.84 19.17 -16.07
CA ALA D 125 -6.75 18.32 -14.90
C ALA D 125 -5.95 18.96 -13.77
N LEU D 126 -6.43 18.77 -12.55
CA LEU D 126 -5.75 19.26 -11.35
C LEU D 126 -4.49 18.46 -11.09
N ASN D 127 -3.39 19.18 -10.94
CA ASN D 127 -2.09 18.59 -10.66
C ASN D 127 -2.03 18.13 -9.21
N GLU D 128 -0.99 17.37 -8.84
CA GLU D 128 -0.92 16.66 -7.56
C GLU D 128 -0.60 17.53 -6.36
N ASP D 129 -0.11 18.74 -6.63
CA ASP D 129 0.11 19.74 -5.59
C ASP D 129 -1.22 20.34 -5.10
N LEU D 130 -2.29 20.01 -5.79
CA LEU D 130 -3.63 20.46 -5.44
C LEU D 130 -3.77 22.00 -5.56
N LYS D 131 -2.88 22.60 -6.35
CA LYS D 131 -2.86 24.05 -6.58
C LYS D 131 -2.98 24.38 -8.05
N THR D 132 -2.10 23.83 -8.87
CA THR D 132 -2.01 24.16 -10.31
C THR D 132 -2.91 23.28 -11.20
N TRP D 133 -3.18 23.78 -12.41
CA TRP D 133 -3.96 23.05 -13.41
C TRP D 133 -3.06 22.80 -14.59
N THR D 134 -3.17 21.66 -15.25
CA THR D 134 -2.46 21.44 -16.51
C THR D 134 -3.48 21.41 -17.63
N ALA D 135 -3.28 22.27 -18.64
CA ALA D 135 -4.24 22.41 -19.74
C ALA D 135 -3.79 21.62 -20.96
N ALA D 136 -4.71 20.87 -21.56
CA ALA D 136 -4.38 19.99 -22.66
C ALA D 136 -4.03 20.81 -23.89
N ASP D 137 -4.95 21.68 -24.31
CA ASP D 137 -4.71 22.60 -25.44
C ASP D 137 -5.11 24.04 -25.09
N MET D 138 -4.93 24.97 -26.03
CA MET D 138 -5.22 26.38 -25.79
C MET D 138 -6.70 26.74 -25.50
N ALA D 139 -7.62 25.84 -25.81
CA ALA D 139 -9.04 26.03 -25.51
C ALA D 139 -9.28 25.84 -24.02
N ALA D 140 -8.81 24.72 -23.50
CA ALA D 140 -8.81 24.42 -22.07
C ALA D 140 -7.89 25.35 -21.26
N LEU D 141 -7.08 26.15 -21.93
CA LEU D 141 -6.26 27.19 -21.32
C LEU D 141 -7.09 28.38 -20.83
N ILE D 142 -8.19 28.67 -21.52
CA ILE D 142 -9.13 29.71 -21.11
C ILE D 142 -9.78 29.28 -19.81
N THR D 143 -10.33 28.09 -19.82
CA THR D 143 -10.92 27.49 -18.64
C THR D 143 -9.99 27.58 -17.43
N LYS D 144 -8.71 27.28 -17.66
CA LYS D 144 -7.70 27.36 -16.64
C LYS D 144 -7.69 28.75 -16.04
N HIS D 145 -7.57 29.77 -16.89
CA HIS D 145 -7.46 31.17 -16.46
C HIS D 145 -8.68 31.59 -15.66
N LYS D 146 -9.85 31.13 -16.09
CA LYS D 146 -11.11 31.31 -15.35
C LYS D 146 -10.98 30.74 -13.94
N TRP D 147 -10.46 29.52 -13.85
CA TRP D 147 -10.37 28.79 -12.60
C TRP D 147 -9.31 29.38 -11.64
N GLU D 148 -8.30 30.02 -12.22
CA GLU D 148 -7.24 30.69 -11.47
C GLU D 148 -7.78 31.97 -10.84
N GLN D 149 -8.52 32.75 -11.62
CA GLN D 149 -9.13 33.98 -11.14
C GLN D 149 -10.25 33.68 -10.12
N ALA D 150 -10.91 32.53 -10.26
CA ALA D 150 -12.04 32.16 -9.41
C ALA D 150 -11.67 31.28 -8.23
N GLY D 151 -10.39 30.94 -8.09
CA GLY D 151 -9.91 30.17 -6.95
C GLY D 151 -10.57 28.82 -6.86
N GLU D 152 -10.93 28.26 -8.00
CA GLU D 152 -11.61 26.99 -8.05
C GLU D 152 -10.75 25.88 -7.50
N ALA D 153 -9.42 26.02 -7.64
CA ALA D 153 -8.46 24.99 -7.23
C ALA D 153 -8.30 24.88 -5.73
N GLU D 154 -8.28 26.03 -5.06
CA GLU D 154 -8.20 26.07 -3.59
C GLU D 154 -9.55 25.64 -2.97
N ARG D 155 -10.62 25.75 -3.75
CA ARG D 155 -11.94 25.29 -3.34
C ARG D 155 -12.15 23.76 -3.51
N LEU D 156 -11.53 23.19 -4.54
CA LEU D 156 -11.53 21.76 -4.82
C LEU D 156 -10.61 21.04 -3.83
N ARG D 157 -9.50 21.69 -3.48
CA ARG D 157 -8.54 21.14 -2.51
C ARG D 157 -9.21 21.07 -1.15
N ALA D 158 -10.11 21.99 -0.88
CA ALA D 158 -10.97 21.82 0.28
C ALA D 158 -11.80 20.52 0.17
N TYR D 159 -12.48 20.31 -0.96
CA TYR D 159 -13.28 19.08 -1.12
C TYR D 159 -12.40 17.82 -1.02
N LEU D 160 -11.23 17.84 -1.64
CA LEU D 160 -10.36 16.66 -1.69
C LEU D 160 -9.70 16.38 -0.33
N GLU D 161 -9.42 17.45 0.42
CA GLU D 161 -8.67 17.39 1.70
C GLU D 161 -9.62 17.18 2.85
N GLY D 162 -10.86 17.64 2.65
CA GLY D 162 -11.92 17.54 3.64
C GLY D 162 -13.00 16.54 3.24
N THR D 163 -14.08 17.07 2.65
CA THR D 163 -15.26 16.29 2.22
C THR D 163 -14.99 14.92 1.72
N CYS D 164 -14.06 14.80 0.79
CA CYS D 164 -13.76 13.53 0.15
C CYS D 164 -12.99 12.58 1.11
N VAL D 165 -11.94 13.05 1.78
CA VAL D 165 -11.16 12.11 2.61
C VAL D 165 -12.00 11.51 3.71
N GLU D 166 -12.95 12.28 4.18
CA GLU D 166 -13.74 11.97 5.35
C GLU D 166 -15.01 11.14 5.00
N TRP D 167 -15.54 11.24 3.79
CA TRP D 167 -16.72 10.45 3.44
C TRP D 167 -16.34 9.03 2.97
N LEU D 168 -15.13 8.91 2.41
CA LEU D 168 -14.55 7.61 2.05
C LEU D 168 -14.31 6.81 3.31
N ARG D 169 -13.69 7.43 4.31
CA ARG D 169 -13.56 6.81 5.61
C ARG D 169 -14.92 6.37 6.11
N ARG D 170 -15.89 7.28 6.13
CA ARG D 170 -17.27 6.96 6.47
C ARG D 170 -17.64 5.66 5.76
N TYR D 171 -17.45 5.63 4.44
CA TYR D 171 -17.95 4.52 3.61
C TYR D 171 -17.25 3.19 3.85
N LEU D 172 -15.95 3.27 4.10
CA LEU D 172 -15.14 2.10 4.32
C LEU D 172 -15.62 1.32 5.54
N LYS D 173 -16.22 2.02 6.50
CA LYS D 173 -16.64 1.47 7.79
C LYS D 173 -18.10 1.01 7.66
N ASN D 174 -18.93 1.90 7.13
CA ASN D 174 -20.36 1.63 6.92
C ASN D 174 -20.56 0.32 6.16
N GLY D 175 -19.78 0.16 5.10
CA GLY D 175 -19.72 -1.07 4.35
C GLY D 175 -18.32 -1.64 4.44
N ASN D 176 -17.93 -2.05 5.65
CA ASN D 176 -16.62 -2.67 5.88
C ASN D 176 -16.64 -4.15 5.56
N ALA D 177 -17.77 -4.81 5.84
CA ALA D 177 -17.93 -6.24 5.60
C ALA D 177 -17.68 -6.54 4.12
N THR D 178 -17.96 -5.55 3.28
CA THR D 178 -17.89 -5.70 1.85
C THR D 178 -16.62 -5.08 1.25
N LEU D 179 -16.37 -3.79 1.51
CA LEU D 179 -15.26 -3.10 0.82
C LEU D 179 -13.89 -3.65 1.22
N LEU D 180 -13.79 -4.13 2.46
CA LEU D 180 -12.53 -4.59 3.01
C LEU D 180 -12.37 -6.09 3.07
N ARG D 181 -13.24 -6.86 2.39
CA ARG D 181 -13.09 -8.32 2.34
C ARG D 181 -12.08 -8.69 1.28
N THR D 182 -11.69 -9.96 1.25
CA THR D 182 -10.75 -10.44 0.24
C THR D 182 -11.09 -11.83 -0.32
N ASP D 183 -11.79 -11.87 -1.46
CA ASP D 183 -12.04 -13.14 -2.15
C ASP D 183 -10.82 -13.62 -2.91
N SER D 184 -10.30 -14.79 -2.57
CA SER D 184 -9.23 -15.39 -3.37
C SER D 184 -9.76 -15.86 -4.72
N PRO D 185 -8.91 -15.90 -5.74
CA PRO D 185 -9.25 -16.53 -7.01
C PRO D 185 -9.12 -18.03 -6.98
N LYS D 186 -9.98 -18.68 -7.76
CA LYS D 186 -9.87 -20.12 -8.03
C LYS D 186 -9.50 -20.19 -9.51
N ALA D 187 -8.49 -21.00 -9.82
CA ALA D 187 -7.97 -21.05 -11.17
C ALA D 187 -8.07 -22.44 -11.81
N HIS D 188 -7.98 -22.44 -13.14
CA HIS D 188 -7.88 -23.65 -13.95
C HIS D 188 -7.24 -23.30 -15.32
N VAL D 189 -7.08 -24.30 -16.18
CA VAL D 189 -6.42 -24.12 -17.48
C VAL D 189 -7.19 -24.86 -18.56
N THR D 190 -7.36 -24.25 -19.73
CA THR D 190 -8.15 -24.88 -20.76
C THR D 190 -7.27 -25.13 -21.94
N HIS D 191 -7.65 -26.15 -22.71
CA HIS D 191 -6.82 -26.68 -23.78
C HIS D 191 -7.56 -26.47 -25.07
N HIS D 192 -6.84 -25.99 -26.10
CA HIS D 192 -7.46 -25.75 -27.40
C HIS D 192 -6.55 -26.10 -28.59
N SER D 193 -7.14 -26.80 -29.55
CA SER D 193 -6.42 -27.25 -30.74
C SER D 193 -6.05 -26.04 -31.60
N ARG D 194 -5.15 -26.27 -32.54
CA ARG D 194 -4.63 -25.20 -33.37
C ARG D 194 -3.85 -25.82 -34.53
N PRO D 195 -4.04 -25.31 -35.76
CA PRO D 195 -3.31 -25.86 -36.92
C PRO D 195 -1.79 -25.74 -36.80
N GLU D 196 -1.05 -26.62 -37.48
CA GLU D 196 0.42 -26.56 -37.48
C GLU D 196 1.04 -27.31 -36.27
N ASP D 197 0.24 -28.14 -35.60
CA ASP D 197 0.70 -28.87 -34.41
C ASP D 197 1.09 -27.90 -33.29
N LYS D 198 0.24 -26.90 -33.08
CA LYS D 198 0.35 -25.92 -31.98
C LYS D 198 -0.89 -26.05 -31.08
N VAL D 199 -0.88 -25.37 -29.94
CA VAL D 199 -1.91 -25.56 -28.91
C VAL D 199 -2.01 -24.34 -28.02
N THR D 200 -3.24 -23.91 -27.71
CA THR D 200 -3.52 -22.75 -26.84
C THR D 200 -3.91 -23.16 -25.41
N LEU D 201 -3.17 -22.58 -24.47
CA LEU D 201 -3.37 -22.81 -23.06
C LEU D 201 -3.82 -21.50 -22.45
N ARG D 202 -5.09 -21.47 -22.06
CA ARG D 202 -5.63 -20.33 -21.36
C ARG D 202 -5.74 -20.64 -19.86
N CYS D 203 -5.18 -19.75 -19.06
CA CYS D 203 -5.25 -19.82 -17.61
C CYS D 203 -6.35 -18.90 -17.06
N TRP D 204 -7.41 -19.49 -16.52
CA TRP D 204 -8.52 -18.71 -15.99
C TRP D 204 -8.30 -18.46 -14.49
N ALA D 205 -8.73 -17.30 -13.99
CA ALA D 205 -8.81 -17.01 -12.54
C ALA D 205 -10.18 -16.38 -12.28
N LEU D 206 -10.96 -16.90 -11.36
CA LEU D 206 -12.33 -16.46 -11.20
C LEU D 206 -12.70 -16.09 -9.75
N GLY D 207 -13.89 -15.51 -9.60
CA GLY D 207 -14.46 -15.15 -8.31
C GLY D 207 -13.55 -14.49 -7.29
N PHE D 208 -12.90 -13.39 -7.66
CA PHE D 208 -11.97 -12.76 -6.75
C PHE D 208 -12.16 -11.30 -6.58
N TYR D 209 -11.75 -10.77 -5.43
CA TYR D 209 -11.85 -9.35 -5.09
C TYR D 209 -10.81 -9.06 -4.03
N PRO D 210 -10.09 -7.94 -4.13
CA PRO D 210 -10.30 -6.89 -5.15
C PRO D 210 -9.85 -7.24 -6.56
N ALA D 211 -10.17 -6.34 -7.50
CA ALA D 211 -9.91 -6.54 -8.94
C ALA D 211 -8.45 -6.78 -9.31
N ASP D 212 -7.52 -6.34 -8.45
CA ASP D 212 -6.11 -6.46 -8.75
C ASP D 212 -5.61 -7.92 -8.64
N ILE D 213 -4.92 -8.35 -9.70
CA ILE D 213 -4.42 -9.72 -9.86
C ILE D 213 -3.30 -9.79 -10.88
N THR D 214 -2.56 -10.87 -10.86
CA THR D 214 -1.56 -11.04 -11.91
C THR D 214 -1.54 -12.48 -12.32
N LEU D 215 -1.56 -12.73 -13.61
CA LEU D 215 -1.44 -14.07 -14.14
C LEU D 215 -0.23 -14.11 -15.03
N THR D 216 0.66 -15.08 -14.82
CA THR D 216 1.74 -15.31 -15.78
C THR D 216 1.87 -16.76 -16.17
N TRP D 217 2.30 -17.00 -17.40
CA TRP D 217 2.69 -18.32 -17.84
C TRP D 217 4.21 -18.37 -17.74
N GLN D 218 4.74 -19.44 -17.18
CA GLN D 218 6.19 -19.64 -17.09
C GLN D 218 6.63 -20.88 -17.84
N LEU D 219 7.95 -21.04 -17.92
CA LEU D 219 8.58 -22.19 -18.54
C LEU D 219 10.01 -22.32 -18.04
N ASN D 220 10.25 -23.20 -17.06
CA ASN D 220 11.61 -23.48 -16.54
C ASN D 220 12.37 -22.29 -15.93
N GLY D 221 11.63 -21.35 -15.36
CA GLY D 221 12.20 -20.20 -14.70
C GLY D 221 12.23 -18.91 -15.50
N GLU D 222 11.27 -18.70 -16.41
CA GLU D 222 11.12 -17.38 -17.06
C GLU D 222 9.77 -17.13 -17.70
N GLU D 223 9.15 -15.99 -17.35
CA GLU D 223 7.82 -15.58 -17.81
C GLU D 223 7.81 -15.21 -19.31
N LEU D 224 6.67 -15.35 -19.97
CA LEU D 224 6.57 -15.10 -21.41
C LEU D 224 5.57 -13.97 -21.73
N ILE D 225 5.68 -12.84 -21.01
CA ILE D 225 4.74 -11.66 -21.12
C ILE D 225 4.40 -11.26 -22.58
N GLN D 226 5.37 -11.49 -23.44
CA GLN D 226 5.43 -11.01 -24.80
C GLN D 226 4.53 -11.89 -25.70
N ASP D 227 4.78 -13.20 -25.62
CA ASP D 227 4.09 -14.22 -26.41
C ASP D 227 2.83 -14.75 -25.69
N MET D 228 2.30 -13.89 -24.80
CA MET D 228 1.11 -14.15 -24.01
C MET D 228 -0.02 -13.46 -24.73
N GLU D 229 -1.20 -13.50 -24.13
CA GLU D 229 -2.34 -12.75 -24.62
C GLU D 229 -3.41 -12.75 -23.54
N LEU D 230 -3.62 -11.59 -22.91
CA LEU D 230 -4.56 -11.48 -21.80
C LEU D 230 -5.77 -10.60 -22.13
N VAL D 231 -6.75 -10.62 -21.24
CA VAL D 231 -7.87 -9.69 -21.26
C VAL D 231 -7.89 -8.89 -19.98
N GLU D 232 -8.14 -7.58 -20.11
CA GLU D 232 -8.30 -6.73 -18.95
C GLU D 232 -9.21 -7.40 -17.93
N THR D 233 -8.76 -7.37 -16.68
CA THR D 233 -9.56 -7.83 -15.59
C THR D 233 -10.96 -7.29 -15.77
N ARG D 234 -11.94 -8.11 -15.39
CA ARG D 234 -13.33 -7.80 -15.64
C ARG D 234 -14.29 -8.01 -14.49
N PRO D 235 -15.34 -7.23 -14.47
CA PRO D 235 -16.46 -7.43 -13.53
C PRO D 235 -17.22 -8.68 -13.91
N ALA D 236 -17.52 -9.55 -12.96
CA ALA D 236 -18.31 -10.76 -13.26
C ALA D 236 -19.78 -10.63 -12.84
N GLY D 237 -20.21 -9.39 -12.60
CA GLY D 237 -21.62 -9.12 -12.43
C GLY D 237 -22.18 -9.35 -11.04
N ASP D 238 -21.29 -9.62 -10.07
CA ASP D 238 -21.68 -9.85 -8.66
C ASP D 238 -20.73 -9.25 -7.66
N GLY D 239 -20.05 -8.18 -8.09
CA GLY D 239 -18.95 -7.61 -7.33
C GLY D 239 -17.65 -8.43 -7.27
N THR D 240 -17.42 -9.35 -8.19
CA THR D 240 -16.11 -10.00 -8.26
C THR D 240 -15.56 -9.90 -9.63
N PHE D 241 -14.28 -10.14 -9.77
CA PHE D 241 -13.64 -10.03 -11.05
C PHE D 241 -13.10 -11.35 -11.56
N GLN D 242 -12.67 -11.38 -12.82
CA GLN D 242 -12.00 -12.52 -13.39
C GLN D 242 -11.07 -12.04 -14.47
N LYS D 243 -10.02 -12.80 -14.72
CA LYS D 243 -9.10 -12.50 -15.80
C LYS D 243 -8.67 -13.82 -16.39
N TRP D 244 -8.34 -13.81 -17.68
CA TRP D 244 -7.69 -14.97 -18.29
C TRP D 244 -6.50 -14.54 -19.14
N ALA D 245 -5.46 -15.38 -19.15
CA ALA D 245 -4.29 -15.16 -20.01
C ALA D 245 -3.93 -16.44 -20.76
N SER D 246 -3.75 -16.36 -22.08
CA SER D 246 -3.41 -17.53 -22.84
C SER D 246 -2.04 -17.42 -23.45
N VAL D 247 -1.51 -18.56 -23.86
CA VAL D 247 -0.17 -18.65 -24.45
C VAL D 247 -0.21 -19.77 -25.46
N VAL D 248 0.61 -19.67 -26.51
CA VAL D 248 0.56 -20.66 -27.59
C VAL D 248 1.75 -21.58 -27.45
N VAL D 249 1.53 -22.83 -27.05
CA VAL D 249 2.65 -23.76 -26.91
C VAL D 249 2.56 -24.89 -27.93
N PRO D 250 3.70 -25.54 -28.18
CA PRO D 250 3.75 -26.63 -29.16
C PRO D 250 3.24 -27.94 -28.58
N LEU D 251 2.39 -28.65 -29.34
CA LEU D 251 1.81 -29.93 -28.91
C LEU D 251 2.87 -30.89 -28.36
N GLY D 252 2.53 -31.62 -27.28
CA GLY D 252 3.49 -32.48 -26.59
C GLY D 252 4.32 -31.86 -25.46
N LYS D 253 4.56 -30.55 -25.50
CA LYS D 253 5.40 -29.87 -24.51
C LYS D 253 4.62 -28.81 -23.76
N GLU D 254 3.32 -29.03 -23.57
CA GLU D 254 2.50 -28.08 -22.79
C GLU D 254 2.59 -28.41 -21.30
N GLN D 255 3.04 -29.63 -21.05
CA GLN D 255 3.32 -30.13 -19.71
C GLN D 255 4.36 -29.29 -18.98
N TYR D 256 5.22 -28.61 -19.75
CA TYR D 256 6.37 -27.84 -19.26
C TYR D 256 6.07 -26.36 -19.02
N TYR D 257 4.91 -25.88 -19.46
CA TYR D 257 4.51 -24.51 -19.21
C TYR D 257 3.65 -24.52 -17.95
N THR D 258 3.83 -23.53 -17.06
CA THR D 258 3.05 -23.40 -15.80
C THR D 258 2.45 -22.03 -15.65
N CYS D 259 1.28 -21.95 -15.02
CA CYS D 259 0.57 -20.68 -14.82
C CYS D 259 0.65 -20.21 -13.36
N HIS D 260 0.73 -18.90 -13.16
CA HIS D 260 0.92 -18.31 -11.83
C HIS D 260 -0.07 -17.21 -11.54
N VAL D 261 -0.75 -17.30 -10.41
CA VAL D 261 -1.75 -16.30 -10.03
C VAL D 261 -1.34 -15.57 -8.73
N TYR D 262 -1.31 -14.25 -8.78
CA TYR D 262 -0.89 -13.42 -7.66
C TYR D 262 -2.05 -12.56 -7.22
N HIS D 263 -2.44 -12.64 -5.92
CA HIS D 263 -3.61 -11.89 -5.41
C HIS D 263 -3.59 -11.70 -3.88
N GLN D 264 -4.31 -10.70 -3.37
CA GLN D 264 -4.41 -10.41 -1.91
C GLN D 264 -4.89 -11.60 -1.09
N GLY D 265 -5.86 -12.34 -1.62
CA GLY D 265 -6.33 -13.56 -0.98
C GLY D 265 -5.46 -14.78 -1.24
N LEU D 266 -4.27 -14.60 -1.81
CA LEU D 266 -3.36 -15.71 -2.04
C LEU D 266 -2.03 -15.55 -1.27
N PRO D 267 -2.00 -16.06 -0.03
CA PRO D 267 -0.77 -16.04 0.77
C PRO D 267 0.42 -16.43 -0.07
N GLU D 268 0.17 -17.40 -0.95
CA GLU D 268 1.16 -17.92 -1.85
C GLU D 268 0.52 -18.01 -3.23
N PRO D 269 1.24 -17.57 -4.25
CA PRO D 269 0.67 -17.59 -5.60
C PRO D 269 0.22 -18.98 -6.01
N LEU D 270 -0.70 -19.06 -6.96
CA LEU D 270 -1.19 -20.34 -7.45
C LEU D 270 -0.29 -20.78 -8.59
N THR D 271 -0.08 -22.08 -8.71
CA THR D 271 0.68 -22.60 -9.83
C THR D 271 -0.04 -23.81 -10.42
N LEU D 272 -0.44 -23.74 -11.69
CA LEU D 272 -1.12 -24.86 -12.34
C LEU D 272 -0.65 -25.03 -13.76
N ARG D 273 -0.62 -26.28 -14.24
CA ARG D 273 -0.03 -26.59 -15.55
C ARG D 273 -1.05 -27.05 -16.61
N TRP D 274 -1.75 -28.16 -16.34
CA TRP D 274 -2.84 -28.64 -17.18
C TRP D 274 -3.51 -29.92 -16.63
N GLU D 275 -4.79 -30.06 -16.95
CA GLU D 275 -5.61 -31.25 -16.69
C GLU D 275 -5.67 -32.17 -17.92
N PRO D 276 -4.62 -32.98 -18.18
CA PRO D 276 -4.71 -33.95 -19.26
C PRO D 276 -5.97 -34.79 -19.12
N ILE E 1 -13.01 11.37 -32.47
CA ILE E 1 -12.43 9.99 -32.50
C ILE E 1 -13.48 8.88 -32.34
N GLN E 2 -13.21 7.78 -33.02
CA GLN E 2 -14.02 6.58 -32.96
C GLN E 2 -13.15 5.46 -32.45
N LYS E 3 -13.75 4.56 -31.67
CA LYS E 3 -13.09 3.37 -31.16
C LYS E 3 -14.09 2.21 -31.11
N THR E 4 -13.67 1.00 -31.50
CA THR E 4 -14.57 -0.15 -31.58
C THR E 4 -14.73 -0.90 -30.26
N PRO E 5 -15.97 -1.26 -29.92
CA PRO E 5 -16.23 -2.12 -28.77
C PRO E 5 -15.48 -3.43 -28.83
N GLN E 6 -14.95 -3.81 -27.67
CA GLN E 6 -14.43 -5.14 -27.38
C GLN E 6 -15.54 -5.79 -26.57
N ILE E 7 -16.17 -6.79 -27.16
CA ILE E 7 -17.29 -7.45 -26.54
C ILE E 7 -16.77 -8.81 -26.08
N GLN E 8 -16.84 -9.04 -24.77
CA GLN E 8 -16.45 -10.32 -24.18
C GLN E 8 -17.70 -10.89 -23.48
N VAL E 9 -18.03 -12.16 -23.76
CA VAL E 9 -19.20 -12.82 -23.19
C VAL E 9 -18.79 -13.99 -22.33
N TYR E 10 -19.12 -13.94 -21.04
CA TYR E 10 -18.57 -14.89 -20.08
C TYR E 10 -19.40 -15.11 -18.84
N SER E 11 -19.45 -16.36 -18.40
CA SER E 11 -20.18 -16.69 -17.19
C SER E 11 -19.31 -16.36 -15.94
N ARG E 12 -20.02 -16.17 -14.82
CA ARG E 12 -19.41 -15.88 -13.55
C ARG E 12 -18.66 -17.12 -13.08
N HIS E 13 -19.34 -18.27 -13.22
CA HIS E 13 -18.80 -19.56 -12.86
C HIS E 13 -18.63 -20.37 -14.12
N PRO E 14 -17.85 -21.45 -14.04
CA PRO E 14 -17.83 -22.42 -15.14
C PRO E 14 -19.19 -23.06 -15.31
N PRO E 15 -19.68 -23.15 -16.55
CA PRO E 15 -21.03 -23.64 -16.83
C PRO E 15 -21.27 -25.08 -16.43
N GLU E 16 -22.48 -25.32 -15.97
CA GLU E 16 -22.91 -26.65 -15.54
C GLU E 16 -24.41 -26.70 -15.76
N ASN E 17 -24.89 -27.63 -16.59
CA ASN E 17 -26.32 -27.68 -16.98
C ASN E 17 -27.23 -27.78 -15.76
N GLY E 18 -28.27 -26.94 -15.72
CA GLY E 18 -29.22 -26.96 -14.61
C GLY E 18 -28.85 -26.17 -13.34
N LYS E 19 -27.63 -25.63 -13.29
CA LYS E 19 -27.12 -24.81 -12.18
C LYS E 19 -27.18 -23.30 -12.48
N PRO E 20 -27.64 -22.50 -11.50
CA PRO E 20 -27.76 -21.06 -11.69
C PRO E 20 -26.42 -20.36 -11.88
N ASN E 21 -26.45 -19.25 -12.63
CA ASN E 21 -25.27 -18.48 -12.99
C ASN E 21 -25.63 -17.02 -13.34
N ILE E 22 -24.61 -16.19 -13.53
CA ILE E 22 -24.75 -14.88 -14.17
C ILE E 22 -24.15 -14.94 -15.56
N LEU E 23 -24.83 -14.37 -16.55
CA LEU E 23 -24.24 -14.28 -17.89
C LEU E 23 -23.72 -12.91 -18.06
N ASN E 24 -22.50 -12.80 -18.55
CA ASN E 24 -21.86 -11.49 -18.72
C ASN E 24 -21.66 -11.12 -20.19
N CYS E 25 -21.88 -9.84 -20.47
CA CYS E 25 -21.41 -9.20 -21.68
C CYS E 25 -20.69 -7.92 -21.26
N TYR E 26 -19.36 -7.96 -21.21
CA TYR E 26 -18.59 -6.78 -20.87
C TYR E 26 -18.20 -6.11 -22.18
N VAL E 27 -18.58 -4.85 -22.36
CA VAL E 27 -18.40 -4.12 -23.61
C VAL E 27 -17.45 -3.01 -23.24
N THR E 28 -16.28 -2.93 -23.86
CA THR E 28 -15.21 -2.06 -23.37
C THR E 28 -14.55 -1.19 -24.42
N GLN E 29 -13.68 -0.31 -23.97
CA GLN E 29 -12.87 0.51 -24.87
C GLN E 29 -13.67 1.08 -26.09
N PHE E 30 -14.75 1.79 -25.81
CA PHE E 30 -15.58 2.35 -26.88
C PHE E 30 -15.87 3.83 -26.68
N HIS E 31 -16.07 4.52 -27.80
CA HIS E 31 -16.35 5.95 -27.84
C HIS E 31 -16.83 6.32 -29.27
N PRO E 32 -17.91 7.08 -29.46
CA PRO E 32 -18.68 7.74 -28.41
C PRO E 32 -19.44 6.77 -27.53
N PRO E 33 -19.94 7.25 -26.38
CA PRO E 33 -20.65 6.40 -25.41
C PRO E 33 -22.01 5.85 -25.88
N HIS E 34 -22.68 6.47 -26.86
CA HIS E 34 -23.97 5.95 -27.28
C HIS E 34 -23.70 4.54 -27.79
N ILE E 35 -24.43 3.59 -27.21
CA ILE E 35 -24.27 2.19 -27.54
C ILE E 35 -25.54 1.45 -27.20
N GLU E 36 -25.82 0.41 -27.97
CA GLU E 36 -26.98 -0.46 -27.76
C GLU E 36 -26.40 -1.85 -27.42
N ILE E 37 -26.87 -2.43 -26.31
CA ILE E 37 -26.38 -3.73 -25.84
C ILE E 37 -27.54 -4.64 -25.46
N GLN E 38 -27.76 -5.68 -26.25
CA GLN E 38 -28.79 -6.67 -25.99
C GLN E 38 -28.18 -8.03 -25.79
N MET E 39 -28.54 -8.67 -24.67
CA MET E 39 -28.19 -10.06 -24.47
C MET E 39 -29.29 -10.85 -25.15
N LEU E 40 -28.94 -12.02 -25.69
CA LEU E 40 -29.84 -12.87 -26.45
C LEU E 40 -29.81 -14.32 -25.98
N LYS E 41 -30.99 -14.94 -25.89
CA LYS E 41 -31.12 -16.37 -25.66
C LYS E 41 -31.91 -17.00 -26.81
N ASN E 42 -31.27 -17.93 -27.50
CA ASN E 42 -31.84 -18.60 -28.65
C ASN E 42 -32.30 -17.57 -29.67
N GLY E 43 -31.41 -16.59 -29.90
CA GLY E 43 -31.66 -15.52 -30.86
C GLY E 43 -32.70 -14.50 -30.41
N LYS E 44 -33.29 -14.73 -29.24
CA LYS E 44 -34.34 -13.88 -28.71
C LYS E 44 -33.69 -12.89 -27.73
N LYS E 45 -34.35 -11.77 -27.47
CA LYS E 45 -33.81 -10.76 -26.58
C LYS E 45 -34.20 -11.06 -25.14
N ILE E 46 -33.23 -11.00 -24.21
CA ILE E 46 -33.49 -11.20 -22.78
C ILE E 46 -33.95 -9.88 -22.14
N PRO E 47 -35.11 -9.93 -21.48
CA PRO E 47 -35.64 -8.73 -20.81
C PRO E 47 -34.91 -8.31 -19.52
N LYS E 48 -34.77 -9.23 -18.57
CA LYS E 48 -34.28 -8.91 -17.22
C LYS E 48 -32.79 -8.70 -17.25
N VAL E 49 -32.34 -7.60 -17.85
CA VAL E 49 -30.89 -7.40 -17.99
C VAL E 49 -30.47 -6.12 -17.29
N GLU E 50 -29.59 -6.30 -16.30
CA GLU E 50 -28.99 -5.26 -15.46
C GLU E 50 -27.74 -4.65 -16.08
N MET E 51 -27.66 -3.33 -16.10
CA MET E 51 -26.46 -2.64 -16.55
C MET E 51 -25.74 -2.13 -15.34
N SER E 52 -24.41 -2.25 -15.34
CA SER E 52 -23.61 -1.83 -14.19
C SER E 52 -22.13 -1.59 -14.51
N ASP E 53 -21.39 -1.17 -13.51
CA ASP E 53 -19.98 -1.01 -13.64
C ASP E 53 -19.57 -0.13 -14.82
N MET E 54 -20.25 0.99 -15.02
CA MET E 54 -19.81 1.91 -16.04
C MET E 54 -18.56 2.62 -15.56
N SER E 55 -17.58 2.78 -16.45
CA SER E 55 -16.34 3.49 -16.14
C SER E 55 -15.53 3.85 -17.37
N PHE E 56 -14.48 4.66 -17.18
CA PHE E 56 -13.55 4.97 -18.28
C PHE E 56 -12.18 4.46 -17.93
N SER E 57 -11.26 4.66 -18.88
CA SER E 57 -9.82 4.42 -18.72
C SER E 57 -9.04 5.73 -18.86
N LYS E 58 -7.75 5.72 -18.51
CA LYS E 58 -6.90 6.89 -18.72
C LYS E 58 -7.11 7.38 -20.15
N ASP E 59 -7.24 6.39 -21.03
CA ASP E 59 -7.55 6.52 -22.44
C ASP E 59 -8.82 7.36 -22.67
N TRP E 60 -9.82 7.12 -21.81
CA TRP E 60 -11.11 7.82 -21.74
C TRP E 60 -12.23 6.99 -22.37
N SER E 61 -11.86 5.84 -22.92
CA SER E 61 -12.86 5.01 -23.60
C SER E 61 -13.82 4.42 -22.58
N PHE E 62 -14.99 4.06 -23.04
CA PHE E 62 -16.06 3.68 -22.14
C PHE E 62 -16.06 2.19 -21.89
N TYR E 63 -16.53 1.83 -20.71
CA TYR E 63 -16.63 0.45 -20.25
C TYR E 63 -17.97 0.36 -19.54
N ILE E 64 -18.78 -0.62 -19.93
CA ILE E 64 -20.08 -0.80 -19.28
C ILE E 64 -20.32 -2.29 -19.20
N LEU E 65 -21.24 -2.70 -18.34
CA LEU E 65 -21.44 -4.13 -18.12
C LEU E 65 -22.87 -4.49 -18.20
N ALA E 66 -23.17 -5.49 -19.01
CA ALA E 66 -24.49 -6.09 -19.00
C ALA E 66 -24.34 -7.44 -18.38
N HIS E 67 -25.34 -7.80 -17.60
CA HIS E 67 -25.44 -9.13 -17.06
C HIS E 67 -26.89 -9.46 -16.74
N THR E 68 -27.18 -10.74 -16.65
CA THR E 68 -28.50 -11.22 -16.27
C THR E 68 -28.32 -12.60 -15.66
N GLU E 69 -29.25 -13.03 -14.81
CA GLU E 69 -29.18 -14.41 -14.32
C GLU E 69 -29.61 -15.35 -15.42
N PHE E 70 -29.01 -16.53 -15.43
CA PHE E 70 -29.33 -17.55 -16.45
C PHE E 70 -28.99 -18.95 -15.98
N THR E 71 -29.68 -19.93 -16.57
CA THR E 71 -29.43 -21.33 -16.26
C THR E 71 -29.06 -22.08 -17.53
N PRO E 72 -27.79 -22.47 -17.63
CA PRO E 72 -27.28 -23.20 -18.79
C PRO E 72 -28.06 -24.46 -19.16
N THR E 73 -28.01 -24.75 -20.45
CA THR E 73 -28.65 -25.90 -21.06
C THR E 73 -27.76 -26.26 -22.23
N GLU E 74 -27.71 -27.54 -22.58
CA GLU E 74 -26.79 -27.95 -23.63
C GLU E 74 -27.15 -27.29 -24.95
N THR E 75 -28.45 -27.18 -25.23
CA THR E 75 -28.96 -26.63 -26.49
C THR E 75 -29.05 -25.09 -26.52
N ASP E 76 -29.31 -24.47 -25.37
CA ASP E 76 -29.47 -23.01 -25.28
C ASP E 76 -28.20 -22.25 -25.70
N THR E 77 -28.38 -21.32 -26.63
CA THR E 77 -27.31 -20.48 -27.12
C THR E 77 -27.52 -19.10 -26.57
N TYR E 78 -26.47 -18.49 -26.05
CA TYR E 78 -26.51 -17.11 -25.57
C TYR E 78 -25.55 -16.25 -26.37
N ALA E 79 -25.87 -14.98 -26.50
CA ALA E 79 -25.09 -14.06 -27.32
C ALA E 79 -25.27 -12.61 -26.85
N CYS E 80 -24.43 -11.73 -27.40
CA CYS E 80 -24.50 -10.31 -27.12
C CYS E 80 -24.35 -9.55 -28.42
N ARG E 81 -25.33 -8.71 -28.73
CA ARG E 81 -25.23 -7.86 -29.90
C ARG E 81 -25.10 -6.37 -29.51
N VAL E 82 -24.11 -5.72 -30.09
CA VAL E 82 -23.83 -4.34 -29.82
C VAL E 82 -23.88 -3.52 -31.12
N LYS E 83 -24.58 -2.38 -31.06
CA LYS E 83 -24.61 -1.33 -32.12
C LYS E 83 -23.85 -0.09 -31.65
N HIS E 84 -22.94 0.41 -32.48
CA HIS E 84 -22.13 1.59 -32.13
C HIS E 84 -21.87 2.36 -33.40
N ASP E 85 -21.33 3.56 -33.33
CA ASP E 85 -21.08 4.31 -34.57
C ASP E 85 -19.75 3.93 -35.24
N SER E 86 -18.96 3.10 -34.60
CA SER E 86 -17.75 2.60 -35.22
C SER E 86 -17.91 1.25 -35.94
N MET E 87 -19.14 0.81 -36.19
CA MET E 87 -19.42 -0.52 -36.73
C MET E 87 -20.31 -0.46 -37.94
N ALA E 88 -19.80 -1.01 -39.03
CA ALA E 88 -20.58 -1.29 -40.21
C ALA E 88 -21.95 -1.78 -39.76
N GLU E 89 -22.03 -3.05 -39.34
CA GLU E 89 -23.28 -3.67 -38.89
C GLU E 89 -23.20 -4.00 -37.40
N PRO E 90 -24.35 -4.30 -36.78
CA PRO E 90 -24.42 -4.78 -35.40
C PRO E 90 -23.66 -6.08 -35.20
N LYS E 91 -22.65 -6.04 -34.34
CA LYS E 91 -21.77 -7.16 -34.12
C LYS E 91 -22.28 -7.96 -32.96
N THR E 92 -22.46 -9.26 -33.20
CA THR E 92 -23.00 -10.19 -32.20
C THR E 92 -21.96 -11.22 -31.76
N VAL E 93 -21.63 -11.23 -30.47
CA VAL E 93 -20.71 -12.21 -29.88
C VAL E 93 -21.43 -13.33 -29.13
N TYR E 94 -21.13 -14.56 -29.52
CA TYR E 94 -21.73 -15.75 -28.91
C TYR E 94 -20.92 -16.19 -27.69
N TRP E 95 -21.63 -16.80 -26.75
CA TRP E 95 -21.05 -17.33 -25.53
C TRP E 95 -20.39 -18.68 -25.82
N ASP E 96 -19.19 -18.89 -25.27
CA ASP E 96 -18.41 -20.08 -25.53
C ASP E 96 -18.04 -20.79 -24.24
N ARG E 97 -18.77 -21.84 -23.88
CA ARG E 97 -18.55 -22.53 -22.60
C ARG E 97 -17.15 -23.14 -22.51
N ASP E 98 -16.58 -23.51 -23.65
CA ASP E 98 -15.31 -24.22 -23.70
C ASP E 98 -14.13 -23.33 -23.49
N MET E 99 -14.27 -22.07 -23.92
CA MET E 99 -13.17 -21.10 -23.88
C MET E 99 -12.38 -21.20 -22.55
N LYS F 1 -22.72 16.84 0.85
CA LYS F 1 -21.28 16.40 0.84
C LYS F 1 -21.03 14.88 0.71
N ALA F 2 -20.52 14.50 -0.47
CA ALA F 2 -19.92 13.18 -0.78
C ALA F 2 -19.20 13.30 -2.13
N VAL F 3 -19.99 13.68 -3.14
CA VAL F 3 -19.57 13.99 -4.52
C VAL F 3 -19.18 15.48 -4.63
N TYR F 4 -18.54 15.90 -5.71
CA TYR F 4 -18.13 17.30 -5.80
C TYR F 4 -19.12 18.25 -6.50
N ASN F 5 -19.13 19.49 -6.00
CA ASN F 5 -19.91 20.60 -6.55
C ASN F 5 -19.14 21.10 -7.77
N LEU F 6 -19.48 20.55 -8.92
CA LEU F 6 -18.71 20.80 -10.14
C LEU F 6 -18.84 22.20 -10.70
N ALA F 7 -17.68 22.72 -11.12
CA ALA F 7 -17.53 24.04 -11.69
C ALA F 7 -17.86 24.07 -13.16
N THR F 8 -18.08 25.27 -13.67
CA THR F 8 -18.30 25.51 -15.09
C THR F 8 -16.99 25.95 -15.71
N MET F 9 -16.74 25.51 -16.94
CA MET F 9 -15.52 25.80 -17.68
C MET F 9 -15.60 27.14 -18.42
#